data_1MJT
#
_entry.id   1MJT
#
_cell.length_a   65.78
_cell.length_b   115.14
_cell.length_c   126.02
_cell.angle_alpha   90.00
_cell.angle_beta   90.00
_cell.angle_gamma   90.00
#
_symmetry.space_group_name_H-M   'P 21 21 21'
#
loop_
_entity.id
_entity.type
_entity.pdbx_description
1 polymer 'NITRIC-OXIDE SYNTHASE HOMOLOG'
2 branched beta-D-fructofuranose-(2-1)-alpha-D-glucopyranose
3 non-polymer 'PROTOPORPHYRIN IX CONTAINING FE'
4 non-polymer NICOTINAMIDE-ADENINE-DINUCLEOTIDE
5 non-polymer ETHYLISOTHIOUREA
6 water water
#
_entity_poly.entity_id   1
_entity_poly.type   'polypeptide(L)'
_entity_poly.pdbx_seq_one_letter_code
;HHLFKEAQAFIENMYKECHYETQIINKRLHDIELEIKETGTYTHTEEELIYGAKMAWRNSNRCIGRLFWDSLNVIDARDV
TDEASFLSSITYHITQATNEGKLKPYITIYAPKDGPKIFNNQLIRYAGYDNCGDPAEKEVTRLANHLGWKGKGTNFDVLP
LIYQLPNESVKFYEYPTSLIKEVPIEHNHYPKLRKLNLKWYAVPIISNMDLKIGGIVYPTAPFNGWYMVTEIGVRNFIDD
YRYNLLEKVADAFEFDTLKNNSFNKDRALVELNYAVYHSFKKEGVSIVDHLTAAKQFELFERNEAQQGRQVTGKWSWLAP
PLSPTLTSNYHHGYDNTVKDPNFFYKK
;
_entity_poly.pdbx_strand_id   A,B
#
# COMPACT_ATOMS: atom_id res chain seq x y z
N HIS A 2 14.00 8.94 -34.30
CA HIS A 2 13.36 8.69 -32.97
C HIS A 2 13.69 9.81 -31.99
N LEU A 3 14.94 10.29 -32.03
CA LEU A 3 15.33 11.36 -31.15
C LEU A 3 14.46 12.58 -31.42
N PHE A 4 14.43 13.01 -32.67
CA PHE A 4 13.62 14.17 -33.05
C PHE A 4 12.16 14.00 -32.65
N LYS A 5 11.69 12.75 -32.65
CA LYS A 5 10.30 12.45 -32.28
C LYS A 5 10.04 12.81 -30.82
N GLU A 6 10.93 12.37 -29.93
CA GLU A 6 10.80 12.64 -28.51
C GLU A 6 10.99 14.14 -28.29
N ALA A 7 11.93 14.70 -29.05
CA ALA A 7 12.24 16.12 -28.96
C ALA A 7 11.01 16.95 -29.33
N GLN A 8 10.40 16.60 -30.47
CA GLN A 8 9.23 17.29 -30.95
C GLN A 8 8.16 17.31 -29.88
N ALA A 9 7.86 16.11 -29.35
CA ALA A 9 6.85 15.95 -28.30
C ALA A 9 7.09 16.93 -27.16
N PHE A 10 8.34 17.00 -26.68
CA PHE A 10 8.70 17.91 -25.59
C PHE A 10 8.48 19.38 -25.93
N ILE A 11 9.00 19.81 -27.08
CA ILE A 11 8.86 21.20 -27.52
C ILE A 11 7.39 21.61 -27.66
N GLU A 12 6.57 20.75 -28.25
CA GLU A 12 5.16 21.05 -28.41
C GLU A 12 4.53 21.34 -27.05
N ASN A 13 4.61 20.35 -26.17
CA ASN A 13 4.05 20.45 -24.82
C ASN A 13 4.51 21.71 -24.08
N MET A 14 5.82 21.93 -24.05
CA MET A 14 6.35 23.10 -23.35
C MET A 14 5.81 24.41 -23.89
N TYR A 15 5.93 24.60 -25.20
CA TYR A 15 5.48 25.82 -25.85
C TYR A 15 3.96 26.03 -25.79
N LYS A 16 3.20 24.94 -25.88
CA LYS A 16 1.74 25.04 -25.81
C LYS A 16 1.39 25.51 -24.41
N GLU A 17 2.11 24.97 -23.44
CA GLU A 17 1.89 25.33 -22.05
C GLU A 17 2.40 26.74 -21.79
N CYS A 18 3.30 27.21 -22.64
CA CYS A 18 3.86 28.56 -22.49
C CYS A 18 3.10 29.56 -23.37
N HIS A 19 2.09 29.07 -24.08
CA HIS A 19 1.27 29.90 -24.95
C HIS A 19 2.10 30.58 -26.04
N TYR A 20 2.98 29.81 -26.65
CA TYR A 20 3.83 30.31 -27.71
C TYR A 20 3.20 30.14 -29.09
N GLU A 21 3.35 31.16 -29.94
CA GLU A 21 2.80 31.14 -31.29
C GLU A 21 3.35 29.95 -32.05
N THR A 22 2.46 29.27 -32.78
CA THR A 22 2.84 28.11 -33.56
C THR A 22 4.11 28.45 -34.33
N GLN A 23 4.18 29.71 -34.76
CA GLN A 23 5.31 30.23 -35.51
C GLN A 23 6.68 29.89 -34.93
N ILE A 24 6.97 30.39 -33.74
CA ILE A 24 8.24 30.13 -33.07
C ILE A 24 8.47 28.67 -32.78
N ILE A 25 7.40 27.95 -32.51
CA ILE A 25 7.50 26.52 -32.23
C ILE A 25 8.16 25.84 -33.42
N ASN A 26 7.71 26.20 -34.62
CA ASN A 26 8.25 25.64 -35.85
C ASN A 26 9.72 26.02 -36.06
N LYS A 27 10.04 27.28 -35.77
CA LYS A 27 11.40 27.79 -35.90
C LYS A 27 12.32 26.97 -35.00
N ARG A 28 11.85 26.68 -33.79
CA ARG A 28 12.63 25.92 -32.83
C ARG A 28 12.84 24.47 -33.27
N LEU A 29 11.79 23.88 -33.83
CA LEU A 29 11.87 22.51 -34.31
C LEU A 29 12.83 22.45 -35.48
N HIS A 30 12.87 23.55 -36.24
CA HIS A 30 13.76 23.65 -37.39
C HIS A 30 15.21 23.64 -36.90
N ASP A 31 15.50 24.52 -35.95
CA ASP A 31 16.84 24.63 -35.39
C ASP A 31 17.33 23.30 -34.81
N ILE A 32 16.42 22.59 -34.14
CA ILE A 32 16.74 21.29 -33.53
C ILE A 32 17.06 20.23 -34.57
N GLU A 33 16.13 20.04 -35.50
CA GLU A 33 16.27 19.06 -36.58
C GLU A 33 17.65 19.22 -37.21
N LEU A 34 18.14 20.47 -37.25
CA LEU A 34 19.44 20.78 -37.81
C LEU A 34 20.59 20.14 -37.05
N GLU A 35 20.90 20.67 -35.86
CA GLU A 35 21.99 20.17 -35.04
C GLU A 35 21.90 18.69 -34.69
N ILE A 36 20.74 18.09 -34.93
CA ILE A 36 20.60 16.65 -34.67
C ILE A 36 21.35 15.98 -35.82
N LYS A 37 21.30 16.63 -36.98
CA LYS A 37 21.98 16.15 -38.18
C LYS A 37 23.44 16.55 -38.11
N GLU A 38 23.67 17.81 -37.75
CA GLU A 38 25.04 18.34 -37.62
C GLU A 38 25.78 17.57 -36.54
N THR A 39 25.15 17.44 -35.37
CA THR A 39 25.76 16.76 -34.22
C THR A 39 25.40 15.28 -34.07
N GLY A 40 24.21 15.03 -33.55
CA GLY A 40 23.75 13.67 -33.33
C GLY A 40 22.63 13.77 -32.31
N THR A 41 22.63 14.90 -31.61
CA THR A 41 21.62 15.20 -30.61
C THR A 41 21.47 16.72 -30.67
N TYR A 42 20.58 17.25 -29.86
CA TYR A 42 20.40 18.69 -29.85
C TYR A 42 20.67 19.24 -28.47
N THR A 43 20.61 20.56 -28.34
CA THR A 43 20.87 21.24 -27.07
C THR A 43 19.65 22.02 -26.62
N HIS A 44 19.24 21.85 -25.37
CA HIS A 44 18.08 22.58 -24.84
C HIS A 44 18.45 24.03 -24.56
N THR A 45 17.50 24.94 -24.80
CA THR A 45 17.73 26.34 -24.51
C THR A 45 17.68 26.36 -22.99
N GLU A 46 18.21 27.40 -22.35
CA GLU A 46 18.16 27.42 -20.90
C GLU A 46 16.72 27.45 -20.37
N GLU A 47 15.79 27.99 -21.17
CA GLU A 47 14.40 28.06 -20.75
C GLU A 47 13.81 26.64 -20.74
N GLU A 48 14.16 25.86 -21.75
CA GLU A 48 13.67 24.48 -21.88
C GLU A 48 14.25 23.57 -20.80
N LEU A 49 15.49 23.82 -20.42
CA LEU A 49 16.14 23.01 -19.39
C LEU A 49 15.45 23.26 -18.05
N ILE A 50 15.16 24.52 -17.77
CA ILE A 50 14.50 24.92 -16.53
C ILE A 50 13.08 24.37 -16.50
N TYR A 51 12.38 24.50 -17.62
CA TYR A 51 11.02 24.04 -17.72
C TYR A 51 10.94 22.51 -17.77
N GLY A 52 11.94 21.90 -18.41
CA GLY A 52 11.96 20.45 -18.52
C GLY A 52 12.13 19.75 -17.19
N ALA A 53 12.98 20.32 -16.33
CA ALA A 53 13.23 19.73 -15.02
C ALA A 53 12.04 19.90 -14.09
N LYS A 54 11.30 20.98 -14.28
CA LYS A 54 10.11 21.22 -13.46
C LYS A 54 9.04 20.24 -13.89
N MET A 55 8.98 19.97 -15.19
CA MET A 55 8.01 19.04 -15.72
C MET A 55 8.34 17.63 -15.27
N ALA A 56 9.63 17.30 -15.25
CA ALA A 56 10.09 15.98 -14.83
C ALA A 56 9.60 15.68 -13.41
N TRP A 57 9.73 16.67 -12.51
CA TRP A 57 9.29 16.51 -11.13
C TRP A 57 7.77 16.33 -11.16
N ARG A 58 7.09 17.13 -11.98
CA ARG A 58 5.65 17.08 -12.08
C ARG A 58 5.11 15.73 -12.60
N ASN A 59 5.94 14.98 -13.30
CA ASN A 59 5.52 13.69 -13.83
C ASN A 59 6.00 12.55 -12.91
N SER A 60 6.76 12.91 -11.89
CA SER A 60 7.29 11.93 -10.94
C SER A 60 6.18 11.25 -10.14
N ASN A 61 5.61 10.21 -10.74
CA ASN A 61 4.52 9.44 -10.15
C ASN A 61 4.64 9.07 -8.68
N ARG A 62 5.86 8.72 -8.24
CA ARG A 62 6.06 8.30 -6.85
C ARG A 62 6.27 9.45 -5.87
N CYS A 63 6.11 10.68 -6.35
CA CYS A 63 6.32 11.87 -5.52
C CYS A 63 5.02 12.48 -4.95
N ILE A 64 4.89 12.44 -3.64
CA ILE A 64 3.70 12.99 -2.98
C ILE A 64 3.75 14.51 -2.82
N GLY A 65 4.96 15.08 -2.97
CA GLY A 65 5.13 16.51 -2.80
C GLY A 65 5.16 17.35 -4.06
N ARG A 66 4.51 16.89 -5.11
CA ARG A 66 4.49 17.62 -6.37
C ARG A 66 3.74 18.97 -6.36
N LEU A 67 3.10 19.31 -5.24
CA LEU A 67 2.39 20.59 -5.17
C LEU A 67 3.34 21.76 -5.40
N PHE A 68 4.60 21.58 -5.05
CA PHE A 68 5.60 22.63 -5.18
C PHE A 68 6.49 22.53 -6.42
N TRP A 69 6.10 21.72 -7.40
CA TRP A 69 6.92 21.52 -8.58
C TRP A 69 7.44 22.78 -9.28
N ASP A 70 6.58 23.79 -9.39
CA ASP A 70 6.95 25.02 -10.07
C ASP A 70 7.87 25.90 -9.23
N SER A 71 8.17 25.45 -8.02
CA SER A 71 9.04 26.18 -7.10
C SER A 71 10.51 25.79 -7.25
N LEU A 72 10.78 24.79 -8.08
CA LEU A 72 12.15 24.32 -8.26
C LEU A 72 13.14 25.40 -8.67
N ASN A 73 14.32 25.35 -8.06
CA ASN A 73 15.39 26.28 -8.38
C ASN A 73 16.39 25.45 -9.18
N VAL A 74 16.38 25.62 -10.50
CA VAL A 74 17.25 24.89 -11.39
C VAL A 74 18.58 25.61 -11.69
N ILE A 75 19.67 24.85 -11.64
CA ILE A 75 21.00 25.40 -11.90
C ILE A 75 21.65 24.71 -13.10
N ASP A 76 21.90 25.51 -14.13
CA ASP A 76 22.53 25.00 -15.35
C ASP A 76 24.03 24.89 -15.11
N ALA A 77 24.53 23.66 -15.07
CA ALA A 77 25.95 23.41 -14.84
C ALA A 77 26.49 22.50 -15.95
N ARG A 78 25.96 22.67 -17.16
CA ARG A 78 26.39 21.87 -18.30
C ARG A 78 27.79 22.25 -18.75
N ASP A 79 28.27 23.40 -18.28
CA ASP A 79 29.60 23.89 -18.64
C ASP A 79 30.69 23.53 -17.63
N VAL A 80 30.28 22.96 -16.49
CA VAL A 80 31.24 22.58 -15.45
C VAL A 80 32.05 21.38 -15.92
N THR A 81 33.36 21.57 -16.11
CA THR A 81 34.23 20.49 -16.56
C THR A 81 35.51 20.35 -15.77
N ASP A 82 35.81 21.32 -14.90
CA ASP A 82 37.02 21.26 -14.09
C ASP A 82 36.64 20.89 -12.66
N GLU A 83 37.51 20.12 -12.00
CA GLU A 83 37.27 19.66 -10.65
C GLU A 83 36.85 20.73 -9.63
N ALA A 84 37.56 21.87 -9.64
CA ALA A 84 37.27 22.95 -8.71
C ALA A 84 35.86 23.52 -8.84
N SER A 85 35.41 23.74 -10.06
CA SER A 85 34.09 24.29 -10.30
C SER A 85 33.02 23.26 -10.00
N PHE A 86 33.30 22.00 -10.27
CA PHE A 86 32.35 20.93 -10.00
C PHE A 86 32.13 20.84 -8.49
N LEU A 87 33.22 20.73 -7.74
CA LEU A 87 33.12 20.64 -6.30
C LEU A 87 32.42 21.89 -5.79
N SER A 88 32.81 23.05 -6.32
CA SER A 88 32.20 24.30 -5.91
C SER A 88 30.69 24.31 -6.13
N SER A 89 30.25 23.69 -7.21
CA SER A 89 28.81 23.64 -7.51
C SER A 89 28.06 22.73 -6.52
N ILE A 90 28.70 21.63 -6.12
CA ILE A 90 28.09 20.69 -5.18
C ILE A 90 27.89 21.36 -3.83
N THR A 91 28.94 21.98 -3.31
CA THR A 91 28.87 22.65 -2.03
C THR A 91 27.89 23.81 -2.08
N TYR A 92 27.83 24.49 -3.23
CA TYR A 92 26.92 25.62 -3.41
C TYR A 92 25.47 25.12 -3.30
N HIS A 93 25.19 24.01 -3.97
CA HIS A 93 23.86 23.39 -3.96
C HIS A 93 23.46 23.09 -2.53
N ILE A 94 24.32 22.38 -1.80
CA ILE A 94 24.04 22.01 -0.42
C ILE A 94 23.83 23.22 0.49
N THR A 95 24.58 24.29 0.22
CA THR A 95 24.48 25.51 1.03
C THR A 95 23.21 26.29 0.75
N GLN A 96 22.87 26.41 -0.53
CA GLN A 96 21.67 27.16 -0.93
C GLN A 96 20.38 26.40 -0.68
N ALA A 97 20.47 25.08 -0.68
CA ALA A 97 19.32 24.23 -0.43
C ALA A 97 18.96 24.27 1.05
N THR A 98 19.99 24.18 1.90
CA THR A 98 19.80 24.20 3.35
C THR A 98 19.16 25.50 3.83
N ASN A 99 19.48 26.60 3.15
CA ASN A 99 18.90 27.92 3.43
C ASN A 99 18.59 28.22 4.89
N GLU A 100 19.55 27.93 5.77
CA GLU A 100 19.39 28.17 7.21
C GLU A 100 18.19 27.44 7.83
N GLY A 101 17.81 26.31 7.25
CA GLY A 101 16.69 25.58 7.81
C GLY A 101 15.47 25.50 6.92
N LYS A 102 15.10 26.63 6.30
CA LYS A 102 13.95 26.67 5.41
C LYS A 102 14.42 26.15 4.06
N LEU A 103 14.38 24.83 3.88
CA LEU A 103 14.85 24.20 2.66
C LEU A 103 14.20 24.72 1.37
N LYS A 104 14.98 24.73 0.31
CA LYS A 104 14.55 25.19 -1.00
C LYS A 104 14.84 24.12 -2.07
N PRO A 105 13.83 23.80 -2.91
CA PRO A 105 13.95 22.80 -3.98
C PRO A 105 15.04 23.20 -4.95
N TYR A 106 16.06 22.37 -5.08
CA TYR A 106 17.17 22.66 -5.97
C TYR A 106 17.56 21.47 -6.82
N ILE A 107 17.99 21.76 -8.05
CA ILE A 107 18.48 20.74 -8.95
C ILE A 107 19.66 21.35 -9.68
N THR A 108 20.78 20.63 -9.71
CA THR A 108 21.97 21.11 -10.41
C THR A 108 22.20 20.15 -11.56
N ILE A 109 21.90 20.62 -12.76
CA ILE A 109 22.04 19.81 -13.96
C ILE A 109 23.42 19.98 -14.57
N TYR A 110 24.10 18.85 -14.78
CA TYR A 110 25.43 18.84 -15.36
C TYR A 110 25.37 18.41 -16.81
N ALA A 111 26.52 18.34 -17.45
CA ALA A 111 26.62 17.95 -18.86
C ALA A 111 26.04 16.59 -19.17
N PRO A 112 25.22 16.51 -20.23
CA PRO A 112 24.59 15.25 -20.65
C PRO A 112 25.62 14.26 -21.21
N LYS A 113 26.76 14.79 -21.66
CA LYS A 113 27.83 13.94 -22.18
C LYS A 113 29.16 14.45 -21.66
N ASP A 114 30.10 13.52 -21.45
CA ASP A 114 31.43 13.86 -20.95
C ASP A 114 31.32 14.79 -19.74
N GLY A 115 30.44 14.42 -18.80
CA GLY A 115 30.26 15.25 -17.62
C GLY A 115 30.71 14.57 -16.35
N PRO A 116 30.65 15.29 -15.22
CA PRO A 116 31.06 14.75 -13.91
C PRO A 116 30.14 13.62 -13.47
N LYS A 117 30.71 12.48 -13.12
CA LYS A 117 29.91 11.34 -12.67
C LYS A 117 29.90 11.31 -11.13
N ILE A 118 28.74 11.02 -10.56
CA ILE A 118 28.59 10.94 -9.11
C ILE A 118 28.15 9.53 -8.73
N PHE A 119 28.81 8.96 -7.73
CA PHE A 119 28.51 7.59 -7.33
C PHE A 119 27.63 7.47 -6.09
N ASN A 120 27.43 8.59 -5.40
CA ASN A 120 26.60 8.59 -4.20
C ASN A 120 25.13 8.39 -4.54
N ASN A 121 24.38 7.82 -3.60
CA ASN A 121 22.94 7.61 -3.77
C ASN A 121 22.32 8.96 -3.50
N GLN A 122 22.87 9.63 -2.50
CA GLN A 122 22.46 10.97 -2.12
C GLN A 122 23.73 11.71 -1.75
N LEU A 123 23.80 12.99 -2.12
CA LEU A 123 24.98 13.80 -1.81
C LEU A 123 25.35 13.70 -0.33
N ILE A 124 24.35 13.46 0.52
CA ILE A 124 24.54 13.33 1.96
C ILE A 124 23.91 12.03 2.47
N ARG A 125 24.74 11.13 3.00
CA ARG A 125 24.27 9.86 3.54
C ARG A 125 25.23 9.40 4.61
N TYR A 126 24.74 8.56 5.52
CA TYR A 126 25.58 8.02 6.59
C TYR A 126 26.17 6.69 6.15
N ALA A 127 27.44 6.49 6.45
CA ALA A 127 28.14 5.26 6.09
C ALA A 127 27.44 4.05 6.69
N GLY A 128 27.72 2.88 6.13
CA GLY A 128 27.13 1.65 6.62
C GLY A 128 28.25 0.65 6.85
N TYR A 129 28.41 0.24 8.09
CA TYR A 129 29.47 -0.71 8.43
C TYR A 129 28.91 -2.06 8.85
N ASP A 130 29.79 -2.96 9.25
CA ASP A 130 29.39 -4.29 9.67
C ASP A 130 28.62 -4.31 10.99
N ASN A 131 29.10 -3.53 11.96
CA ASN A 131 28.47 -3.51 13.27
C ASN A 131 27.68 -2.23 13.59
N CYS A 132 27.46 -1.39 12.58
CA CYS A 132 26.70 -0.15 12.76
C CYS A 132 26.59 0.66 11.46
N GLY A 133 25.81 1.74 11.50
CA GLY A 133 25.63 2.58 10.33
C GLY A 133 24.38 2.24 9.55
N ASP A 134 24.29 2.78 8.34
CA ASP A 134 23.13 2.54 7.48
C ASP A 134 23.43 1.38 6.55
N PRO A 135 22.84 0.20 6.80
CA PRO A 135 23.05 -0.99 5.96
C PRO A 135 22.87 -0.76 4.47
N ALA A 136 22.01 0.20 4.13
CA ALA A 136 21.71 0.54 2.74
C ALA A 136 22.91 1.19 2.02
N GLU A 137 23.81 1.77 2.79
CA GLU A 137 24.97 2.45 2.23
C GLU A 137 26.26 1.63 2.32
N LYS A 138 26.14 0.35 2.62
CA LYS A 138 27.33 -0.51 2.71
C LYS A 138 28.17 -0.49 1.44
N GLU A 139 27.54 -0.73 0.30
CA GLU A 139 28.25 -0.76 -0.98
C GLU A 139 29.03 0.53 -1.21
N VAL A 140 28.34 1.67 -1.19
CA VAL A 140 29.00 2.95 -1.37
C VAL A 140 30.07 3.25 -0.32
N THR A 141 29.97 2.61 0.85
CA THR A 141 30.96 2.82 1.90
C THR A 141 32.23 2.00 1.67
N ARG A 142 32.09 0.82 1.09
CA ARG A 142 33.26 0.01 0.81
C ARG A 142 34.07 0.70 -0.26
N LEU A 143 33.38 1.33 -1.20
CA LEU A 143 34.03 2.07 -2.27
C LEU A 143 34.83 3.22 -1.69
N ALA A 144 34.22 3.96 -0.77
CA ALA A 144 34.89 5.08 -0.13
C ALA A 144 36.16 4.58 0.56
N ASN A 145 36.03 3.58 1.41
CA ASN A 145 37.16 2.99 2.12
C ASN A 145 38.27 2.57 1.16
N HIS A 146 37.86 1.90 0.08
CA HIS A 146 38.77 1.42 -0.95
C HIS A 146 39.55 2.59 -1.54
N LEU A 147 38.88 3.73 -1.67
CA LEU A 147 39.49 4.93 -2.22
C LEU A 147 40.43 5.61 -1.24
N GLY A 148 40.38 5.22 0.03
CA GLY A 148 41.26 5.83 1.00
C GLY A 148 40.53 6.63 2.08
N TRP A 149 39.21 6.72 1.95
CA TRP A 149 38.43 7.45 2.94
C TRP A 149 38.30 6.63 4.21
N LYS A 150 38.39 7.30 5.36
CA LYS A 150 38.26 6.66 6.65
C LYS A 150 37.43 7.53 7.59
N GLY A 151 36.23 7.06 7.92
CA GLY A 151 35.34 7.79 8.79
C GLY A 151 35.58 7.49 10.26
N LYS A 152 34.92 8.25 11.14
CA LYS A 152 35.08 8.05 12.57
C LYS A 152 34.59 6.68 13.03
N GLY A 153 33.81 6.02 12.18
CA GLY A 153 33.30 4.71 12.52
C GLY A 153 32.09 4.69 13.44
N THR A 154 31.34 5.78 13.50
CA THR A 154 30.16 5.82 14.34
C THR A 154 28.95 5.34 13.55
N ASN A 155 27.77 5.58 14.12
CA ASN A 155 26.51 5.19 13.50
C ASN A 155 26.06 6.24 12.48
N PHE A 156 26.65 7.43 12.57
CA PHE A 156 26.30 8.53 11.68
C PHE A 156 27.51 9.24 11.10
N ASP A 157 28.30 8.53 10.29
CA ASP A 157 29.46 9.13 9.63
C ASP A 157 28.99 9.63 8.28
N VAL A 158 29.09 10.93 8.03
CA VAL A 158 28.66 11.41 6.74
C VAL A 158 29.64 10.91 5.67
N LEU A 159 29.11 10.25 4.66
CA LEU A 159 29.94 9.74 3.59
C LEU A 159 30.46 10.93 2.79
N PRO A 160 31.61 10.77 2.12
CA PRO A 160 32.17 11.85 1.32
C PRO A 160 31.56 11.79 -0.10
N LEU A 161 31.66 12.88 -0.85
CA LEU A 161 31.15 12.90 -2.23
C LEU A 161 32.08 11.99 -3.02
N ILE A 162 31.52 11.01 -3.72
CA ILE A 162 32.35 10.12 -4.52
C ILE A 162 32.06 10.45 -5.99
N TYR A 163 33.07 10.97 -6.68
CA TYR A 163 32.91 11.39 -8.08
C TYR A 163 34.08 11.02 -8.99
N GLN A 164 33.86 11.24 -10.29
CA GLN A 164 34.86 10.97 -11.31
C GLN A 164 34.66 11.87 -12.51
N LEU A 165 35.70 12.64 -12.83
CA LEU A 165 35.67 13.53 -13.99
C LEU A 165 36.13 12.71 -15.18
N PRO A 166 35.83 13.16 -16.39
CA PRO A 166 36.23 12.42 -17.59
C PRO A 166 37.76 12.30 -17.73
N ASN A 167 38.21 11.12 -18.14
CA ASN A 167 39.63 10.85 -18.32
C ASN A 167 40.44 10.99 -17.04
N GLU A 168 39.79 10.73 -15.92
CA GLU A 168 40.42 10.80 -14.61
C GLU A 168 39.91 9.66 -13.76
N SER A 169 40.63 9.38 -12.69
CA SER A 169 40.26 8.31 -11.79
C SER A 169 39.20 8.78 -10.78
N VAL A 170 38.54 7.82 -10.14
CA VAL A 170 37.52 8.14 -9.15
C VAL A 170 38.18 8.74 -7.93
N LYS A 171 37.55 9.77 -7.38
CA LYS A 171 38.07 10.46 -6.21
C LYS A 171 36.92 10.69 -5.24
N PHE A 172 37.25 11.11 -4.03
CA PHE A 172 36.24 11.39 -3.04
C PHE A 172 36.60 12.71 -2.39
N TYR A 173 35.57 13.44 -1.96
CA TYR A 173 35.77 14.74 -1.33
C TYR A 173 34.94 14.80 -0.05
N GLU A 174 35.57 15.17 1.05
CA GLU A 174 34.86 15.27 2.32
C GLU A 174 34.31 16.66 2.58
N TYR A 175 33.03 16.71 2.95
CA TYR A 175 32.40 17.98 3.23
C TYR A 175 32.82 18.42 4.63
N PRO A 176 32.98 19.74 4.83
CA PRO A 176 33.35 20.11 6.20
C PRO A 176 32.05 19.88 7.00
N THR A 177 32.17 19.38 8.22
CA THR A 177 30.99 19.09 9.02
C THR A 177 30.07 20.29 9.19
N SER A 178 30.64 21.48 9.16
CA SER A 178 29.83 22.69 9.33
C SER A 178 28.81 22.85 8.20
N LEU A 179 29.10 22.28 7.03
CA LEU A 179 28.22 22.36 5.87
C LEU A 179 26.95 21.50 5.97
N ILE A 180 27.05 20.38 6.69
CA ILE A 180 25.93 19.45 6.84
C ILE A 180 25.12 19.69 8.10
N LYS A 181 23.88 20.12 7.93
CA LYS A 181 23.03 20.36 9.09
C LYS A 181 22.38 19.06 9.53
N GLU A 182 22.46 18.77 10.81
CA GLU A 182 21.88 17.54 11.34
C GLU A 182 20.89 17.84 12.46
N VAL A 183 19.96 16.91 12.67
CA VAL A 183 18.93 17.08 13.70
C VAL A 183 18.91 16.01 14.76
N PRO A 184 19.30 16.35 16.01
CA PRO A 184 19.28 15.35 17.07
C PRO A 184 17.81 15.01 17.28
N ILE A 185 17.52 13.73 17.50
CA ILE A 185 16.14 13.30 17.72
C ILE A 185 15.87 13.18 19.20
N GLU A 186 14.76 13.78 19.63
CA GLU A 186 14.35 13.71 21.01
C GLU A 186 12.82 13.73 21.09
N HIS A 187 12.31 13.27 22.23
CA HIS A 187 10.87 13.22 22.47
C HIS A 187 10.59 13.96 23.77
N ASN A 188 9.87 15.07 23.67
CA ASN A 188 9.54 15.90 24.82
C ASN A 188 8.68 15.21 25.88
N HIS A 189 8.42 13.93 25.71
CA HIS A 189 7.62 13.19 26.68
C HIS A 189 8.33 11.90 27.10
N TYR A 190 9.44 11.61 26.43
CA TYR A 190 10.22 10.40 26.73
C TYR A 190 11.72 10.71 26.76
N PRO A 191 12.19 11.30 27.87
CA PRO A 191 13.59 11.67 28.09
C PRO A 191 14.63 10.65 27.63
N LYS A 192 14.32 9.37 27.80
CA LYS A 192 15.25 8.31 27.43
C LYS A 192 15.57 8.20 25.95
N LEU A 193 14.75 8.82 25.11
CA LEU A 193 14.97 8.74 23.67
C LEU A 193 16.24 9.47 23.23
N ARG A 194 16.47 10.64 23.82
CA ARG A 194 17.66 11.44 23.50
C ARG A 194 18.91 10.61 23.79
N LYS A 195 18.84 9.79 24.83
CA LYS A 195 19.96 8.94 25.23
C LYS A 195 20.42 7.97 24.15
N LEU A 196 19.59 7.76 23.13
CA LEU A 196 19.96 6.86 22.04
C LEU A 196 20.89 7.56 21.05
N ASN A 197 20.96 8.88 21.14
CA ASN A 197 21.81 9.69 20.28
C ASN A 197 21.53 9.46 18.81
N LEU A 198 20.26 9.55 18.45
CA LEU A 198 19.86 9.39 17.06
C LEU A 198 19.88 10.80 16.44
N LYS A 199 19.95 10.85 15.12
CA LYS A 199 19.93 12.12 14.41
C LYS A 199 19.84 11.85 12.93
N TRP A 200 19.53 12.87 12.17
CA TRP A 200 19.45 12.69 10.74
C TRP A 200 19.81 14.00 10.05
N TYR A 201 20.29 13.92 8.82
CA TYR A 201 20.64 15.11 8.07
C TYR A 201 19.37 15.84 7.60
N ALA A 202 19.51 17.12 7.32
CA ALA A 202 18.36 17.93 6.93
C ALA A 202 17.89 17.79 5.51
N VAL A 203 18.84 17.84 4.57
CA VAL A 203 18.50 17.81 3.15
C VAL A 203 18.73 16.52 2.38
N PRO A 204 17.64 15.93 1.82
CA PRO A 204 17.71 14.69 1.04
C PRO A 204 17.97 15.05 -0.42
N ILE A 205 19.20 14.85 -0.88
CA ILE A 205 19.56 15.18 -2.26
C ILE A 205 19.84 13.90 -3.07
N ILE A 206 18.85 13.46 -3.85
CA ILE A 206 19.01 12.27 -4.66
C ILE A 206 20.06 12.54 -5.74
N SER A 207 21.06 11.67 -5.81
CA SER A 207 22.11 11.85 -6.80
C SER A 207 22.42 10.55 -7.52
N ASN A 208 21.40 9.72 -7.74
CA ASN A 208 21.63 8.46 -8.43
C ASN A 208 20.54 8.11 -9.44
N MET A 209 19.91 9.14 -10.00
CA MET A 209 18.86 8.95 -10.99
C MET A 209 19.17 9.68 -12.28
N ASP A 210 18.49 9.30 -13.35
CA ASP A 210 18.67 9.94 -14.65
C ASP A 210 17.55 10.91 -14.96
N LEU A 211 17.91 12.11 -15.37
CA LEU A 211 16.92 13.11 -15.73
C LEU A 211 16.78 13.03 -17.25
N LYS A 212 15.55 12.88 -17.73
CA LYS A 212 15.30 12.80 -19.18
C LYS A 212 14.35 13.90 -19.64
N ILE A 213 14.85 14.73 -20.55
CA ILE A 213 14.05 15.82 -21.09
C ILE A 213 14.01 15.75 -22.61
N GLY A 214 12.84 15.44 -23.15
CA GLY A 214 12.67 15.35 -24.58
C GLY A 214 13.76 14.60 -25.33
N GLY A 215 14.06 13.38 -24.89
CA GLY A 215 15.08 12.60 -25.58
C GLY A 215 16.48 12.63 -25.00
N ILE A 216 16.90 13.80 -24.49
CA ILE A 216 18.22 13.94 -23.89
C ILE A 216 18.24 13.31 -22.49
N VAL A 217 19.32 12.61 -22.19
CA VAL A 217 19.46 11.97 -20.90
C VAL A 217 20.62 12.57 -20.13
N TYR A 218 20.31 13.17 -18.98
CA TYR A 218 21.30 13.81 -18.11
C TYR A 218 21.60 12.83 -16.97
N PRO A 219 22.73 12.13 -17.05
CA PRO A 219 23.13 11.16 -16.03
C PRO A 219 23.50 11.74 -14.67
N THR A 220 23.76 13.04 -14.63
CA THR A 220 24.14 13.68 -13.36
C THR A 220 23.35 14.96 -13.14
N ALA A 221 22.43 14.93 -12.19
CA ALA A 221 21.63 16.11 -11.90
C ALA A 221 20.97 16.00 -10.53
N PRO A 222 21.78 15.96 -9.46
CA PRO A 222 21.25 15.86 -8.10
C PRO A 222 20.15 16.88 -7.82
N PHE A 223 19.11 16.44 -7.12
CA PHE A 223 17.99 17.32 -6.80
C PHE A 223 17.54 17.09 -5.37
N ASN A 224 16.85 18.07 -4.78
CA ASN A 224 16.37 17.92 -3.41
C ASN A 224 15.06 18.63 -3.08
N GLY A 225 14.47 18.19 -1.98
CA GLY A 225 13.24 18.76 -1.46
C GLY A 225 13.45 18.72 0.05
N TRP A 226 12.39 18.50 0.82
CA TRP A 226 12.54 18.41 2.26
C TRP A 226 11.84 17.12 2.66
N TYR A 227 12.19 16.60 3.82
CA TYR A 227 11.62 15.34 4.28
C TYR A 227 10.15 15.36 4.67
N MET A 228 9.58 14.15 4.70
CA MET A 228 8.20 13.89 5.10
C MET A 228 8.48 12.86 6.21
N VAL A 229 8.03 13.14 7.44
CA VAL A 229 8.35 12.28 8.59
C VAL A 229 8.56 10.79 8.43
N THR A 230 7.60 10.09 7.82
CA THR A 230 7.72 8.65 7.68
C THR A 230 8.97 8.16 6.95
N GLU A 231 9.63 9.03 6.20
CA GLU A 231 10.84 8.63 5.49
C GLU A 231 11.92 8.32 6.51
N ILE A 232 12.02 9.18 7.52
CA ILE A 232 13.00 9.02 8.58
C ILE A 232 12.49 8.15 9.72
N GLY A 233 11.32 8.51 10.26
CA GLY A 233 10.72 7.80 11.38
C GLY A 233 10.23 6.38 11.21
N VAL A 234 9.95 5.96 9.97
CA VAL A 234 9.48 4.61 9.71
C VAL A 234 10.49 3.76 8.93
N ARG A 235 10.88 4.25 7.77
CA ARG A 235 11.81 3.52 6.91
C ARG A 235 13.27 3.62 7.33
N ASN A 236 13.82 4.83 7.37
CA ASN A 236 15.23 4.98 7.74
C ASN A 236 15.57 4.37 9.10
N PHE A 237 14.79 4.69 10.13
CA PHE A 237 15.05 4.21 11.48
C PHE A 237 14.47 2.84 11.87
N ILE A 238 13.33 2.46 11.30
CA ILE A 238 12.71 1.19 11.69
C ILE A 238 12.81 -0.01 10.73
N ASP A 239 12.94 0.21 9.42
CA ASP A 239 13.06 -0.94 8.53
C ASP A 239 14.15 -1.86 9.06
N ASP A 240 13.85 -3.15 9.16
CA ASP A 240 14.82 -4.11 9.67
C ASP A 240 16.12 -4.15 8.85
N TYR A 241 16.05 -3.80 7.57
CA TYR A 241 17.26 -3.80 6.74
C TYR A 241 17.95 -2.44 6.76
N ARG A 242 17.43 -1.54 7.59
CA ARG A 242 18.01 -0.21 7.74
C ARG A 242 18.52 -0.11 9.20
N TYR A 243 18.24 0.99 9.89
CA TYR A 243 18.75 1.10 11.26
C TYR A 243 18.08 0.14 12.26
N ASN A 244 16.91 -0.37 11.89
CA ASN A 244 16.20 -1.37 12.71
C ASN A 244 16.19 -1.05 14.21
N LEU A 245 15.74 0.13 14.58
CA LEU A 245 15.73 0.56 15.97
C LEU A 245 14.45 0.30 16.78
N LEU A 246 13.52 -0.51 16.27
CA LEU A 246 12.27 -0.72 17.00
C LEU A 246 12.42 -1.08 18.47
N GLU A 247 13.27 -2.04 18.77
CA GLU A 247 13.45 -2.47 20.15
C GLU A 247 14.05 -1.41 21.06
N LYS A 248 15.14 -0.78 20.64
CA LYS A 248 15.77 0.24 21.49
C LYS A 248 14.84 1.42 21.73
N VAL A 249 14.09 1.80 20.70
CA VAL A 249 13.17 2.92 20.81
C VAL A 249 11.97 2.56 21.70
N ALA A 250 11.49 1.33 21.57
CA ALA A 250 10.36 0.88 22.38
C ALA A 250 10.74 0.96 23.87
N ASP A 251 12.02 0.70 24.16
CA ASP A 251 12.51 0.78 25.54
C ASP A 251 12.48 2.22 26.02
N ALA A 252 12.91 3.13 25.16
CA ALA A 252 12.94 4.54 25.49
C ALA A 252 11.53 5.04 25.80
N PHE A 253 10.54 4.40 25.19
CA PHE A 253 9.14 4.77 25.39
C PHE A 253 8.54 3.97 26.52
N GLU A 254 9.37 3.13 27.14
CA GLU A 254 8.97 2.33 28.28
C GLU A 254 7.82 1.36 28.05
N PHE A 255 7.83 0.71 26.89
CA PHE A 255 6.82 -0.30 26.58
C PHE A 255 7.37 -1.62 27.11
N ASP A 256 6.75 -2.15 28.15
CA ASP A 256 7.23 -3.40 28.76
C ASP A 256 7.28 -4.61 27.82
N THR A 257 6.50 -4.55 26.75
CA THR A 257 6.47 -5.63 25.78
C THR A 257 6.21 -5.14 24.37
N LEU A 258 6.53 -5.98 23.40
CA LEU A 258 6.31 -5.66 22.00
C LEU A 258 5.49 -6.75 21.30
N LYS A 259 4.85 -7.63 22.09
CA LYS A 259 4.03 -8.67 21.50
C LYS A 259 3.03 -7.99 20.57
N ASN A 260 2.78 -8.60 19.42
CA ASN A 260 1.85 -8.03 18.46
C ASN A 260 0.50 -7.66 19.10
N ASN A 261 0.07 -8.47 20.07
CA ASN A 261 -1.18 -8.28 20.81
C ASN A 261 -1.27 -6.95 21.54
N SER A 262 -0.12 -6.46 22.00
CA SER A 262 -0.03 -5.21 22.75
C SER A 262 -0.26 -3.97 21.92
N PHE A 263 0.07 -4.07 20.63
CA PHE A 263 -0.06 -2.96 19.71
C PHE A 263 0.97 -1.90 20.08
N ASN A 264 1.96 -2.28 20.89
CA ASN A 264 3.01 -1.34 21.27
C ASN A 264 3.93 -1.07 20.09
N LYS A 265 4.14 -2.08 19.25
CA LYS A 265 4.96 -1.89 18.07
C LYS A 265 4.36 -0.73 17.29
N ASP A 266 3.03 -0.72 17.22
CA ASP A 266 2.32 0.33 16.50
C ASP A 266 2.44 1.68 17.20
N ARG A 267 2.39 1.70 18.53
CA ARG A 267 2.50 2.94 19.30
C ARG A 267 3.90 3.53 19.17
N ALA A 268 4.90 2.66 19.23
CA ALA A 268 6.30 3.08 19.11
C ALA A 268 6.52 3.84 17.81
N LEU A 269 5.93 3.32 16.73
CA LEU A 269 6.07 3.95 15.42
C LEU A 269 5.48 5.37 15.44
N VAL A 270 4.26 5.50 15.96
CA VAL A 270 3.62 6.81 16.03
C VAL A 270 4.49 7.76 16.86
N GLU A 271 4.88 7.32 18.06
CA GLU A 271 5.72 8.16 18.91
C GLU A 271 7.04 8.58 18.25
N LEU A 272 7.72 7.63 17.61
CA LEU A 272 8.99 7.94 16.96
C LEU A 272 8.84 9.01 15.89
N ASN A 273 7.76 8.97 15.12
CA ASN A 273 7.52 9.96 14.09
C ASN A 273 7.13 11.30 14.72
N TYR A 274 6.54 11.24 15.89
CA TYR A 274 6.16 12.45 16.60
C TYR A 274 7.42 13.14 17.06
N ALA A 275 8.40 12.34 17.50
CA ALA A 275 9.67 12.86 17.97
C ALA A 275 10.46 13.44 16.80
N VAL A 276 10.56 12.68 15.72
CA VAL A 276 11.29 13.15 14.55
C VAL A 276 10.75 14.49 14.10
N TYR A 277 9.44 14.55 13.87
CA TYR A 277 8.78 15.77 13.41
C TYR A 277 9.11 16.98 14.27
N HIS A 278 8.87 16.86 15.57
CA HIS A 278 9.12 17.96 16.49
C HIS A 278 10.57 18.24 16.80
N SER A 279 11.44 17.30 16.48
CA SER A 279 12.87 17.50 16.70
C SER A 279 13.34 18.44 15.59
N PHE A 280 12.84 18.18 14.37
CA PHE A 280 13.15 19.00 13.20
C PHE A 280 12.58 20.39 13.42
N LYS A 281 11.35 20.44 13.91
CA LYS A 281 10.68 21.70 14.17
C LYS A 281 11.52 22.53 15.15
N LYS A 282 12.09 21.85 16.15
CA LYS A 282 12.92 22.51 17.15
C LYS A 282 14.24 23.05 16.58
N GLU A 283 14.79 22.35 15.59
CA GLU A 283 16.04 22.77 14.97
C GLU A 283 15.79 23.77 13.85
N GLY A 284 14.53 24.15 13.66
CA GLY A 284 14.19 25.09 12.62
C GLY A 284 14.36 24.51 11.23
N VAL A 285 14.39 23.18 11.13
CA VAL A 285 14.55 22.53 9.84
C VAL A 285 13.19 22.09 9.30
N SER A 286 12.93 22.43 8.05
CA SER A 286 11.67 22.10 7.40
C SER A 286 11.39 20.61 7.36
N ILE A 287 10.11 20.28 7.47
CA ILE A 287 9.62 18.92 7.43
C ILE A 287 8.11 19.00 7.37
N VAL A 288 7.49 17.97 6.79
CA VAL A 288 6.04 17.92 6.67
C VAL A 288 5.58 16.55 7.14
N ASP A 289 4.44 16.50 7.82
CA ASP A 289 3.92 15.23 8.30
C ASP A 289 3.15 14.51 7.20
N HIS A 290 3.10 13.20 7.29
CA HIS A 290 2.43 12.37 6.29
C HIS A 290 1.02 12.75 5.89
N LEU A 291 0.21 13.22 6.83
CA LEU A 291 -1.16 13.58 6.51
C LEU A 291 -1.28 14.95 5.84
N THR A 292 -0.47 15.91 6.29
CA THR A 292 -0.47 17.24 5.70
C THR A 292 0.06 17.10 4.26
N ALA A 293 1.07 16.27 4.10
CA ALA A 293 1.66 16.03 2.80
C ALA A 293 0.61 15.58 1.80
N ALA A 294 -0.37 14.82 2.26
CA ALA A 294 -1.44 14.32 1.38
C ALA A 294 -2.43 15.44 1.06
N LYS A 295 -2.68 16.31 2.03
CA LYS A 295 -3.61 17.43 1.81
C LYS A 295 -3.03 18.34 0.74
N GLN A 296 -1.72 18.54 0.80
CA GLN A 296 -1.04 19.38 -0.18
C GLN A 296 -1.09 18.71 -1.53
N PHE A 297 -1.08 17.36 -1.54
CA PHE A 297 -1.13 16.62 -2.78
C PHE A 297 -2.49 16.81 -3.46
N GLU A 298 -3.55 16.88 -2.66
CA GLU A 298 -4.90 17.09 -3.19
C GLU A 298 -4.92 18.39 -3.99
N LEU A 299 -4.33 19.43 -3.40
CA LEU A 299 -4.25 20.75 -4.04
C LEU A 299 -3.50 20.64 -5.34
N PHE A 300 -2.43 19.86 -5.32
CA PHE A 300 -1.67 19.67 -6.54
C PHE A 300 -2.60 19.13 -7.61
N GLU A 301 -3.40 18.14 -7.23
CA GLU A 301 -4.35 17.51 -8.13
C GLU A 301 -5.39 18.52 -8.60
N ARG A 302 -5.80 19.41 -7.71
CA ARG A 302 -6.77 20.42 -8.08
C ARG A 302 -6.10 21.41 -9.05
N ASN A 303 -4.90 21.88 -8.71
CA ASN A 303 -4.16 22.82 -9.54
C ASN A 303 -3.87 22.27 -10.95
N GLU A 304 -3.73 20.95 -11.06
CA GLU A 304 -3.44 20.32 -12.35
C GLU A 304 -4.69 20.23 -13.22
N ALA A 305 -5.80 19.83 -12.63
CA ALA A 305 -7.07 19.71 -13.34
C ALA A 305 -7.51 21.07 -13.89
N GLN A 306 -7.17 22.13 -13.15
CA GLN A 306 -7.49 23.50 -13.54
C GLN A 306 -6.67 23.91 -14.75
N GLN A 307 -5.52 23.27 -14.93
CA GLN A 307 -4.65 23.58 -16.06
C GLN A 307 -4.89 22.56 -17.17
N GLY A 308 -5.97 21.80 -17.04
CA GLY A 308 -6.30 20.81 -18.05
C GLY A 308 -5.42 19.58 -18.08
N ARG A 309 -4.55 19.43 -17.08
CA ARG A 309 -3.68 18.26 -17.04
C ARG A 309 -4.22 17.19 -16.11
N GLN A 310 -4.05 15.93 -16.49
CA GLN A 310 -4.51 14.83 -15.66
C GLN A 310 -3.35 14.45 -14.74
N VAL A 311 -3.65 13.71 -13.67
CA VAL A 311 -2.63 13.32 -12.73
C VAL A 311 -2.29 11.84 -12.74
N THR A 312 -1.00 11.57 -12.91
CA THR A 312 -0.49 10.22 -12.92
C THR A 312 0.23 10.00 -11.58
N GLY A 313 0.35 8.74 -11.18
CA GLY A 313 1.01 8.44 -9.92
C GLY A 313 1.08 6.96 -9.60
N LYS A 314 1.98 6.57 -8.71
CA LYS A 314 2.08 5.17 -8.32
C LYS A 314 1.51 5.01 -6.92
N TRP A 315 0.27 4.50 -6.86
CA TRP A 315 -0.47 4.31 -5.62
C TRP A 315 0.34 3.86 -4.40
N SER A 316 1.07 2.74 -4.55
CA SER A 316 1.85 2.18 -3.46
C SER A 316 2.88 3.12 -2.85
N TRP A 317 3.34 4.11 -3.60
CA TRP A 317 4.32 5.06 -3.10
C TRP A 317 3.68 6.30 -2.47
N LEU A 318 2.68 6.84 -3.15
CA LEU A 318 1.96 8.01 -2.64
C LEU A 318 1.31 7.75 -1.27
N ALA A 319 0.94 6.50 -1.01
CA ALA A 319 0.33 6.14 0.26
C ALA A 319 1.43 6.04 1.34
N PRO A 320 1.27 6.77 2.45
CA PRO A 320 2.27 6.73 3.53
C PRO A 320 2.25 5.45 4.36
N PRO A 321 3.40 5.06 4.91
CA PRO A 321 3.53 3.85 5.75
C PRO A 321 3.05 4.08 7.18
N LEU A 322 2.18 5.08 7.34
CA LEU A 322 1.62 5.40 8.64
C LEU A 322 0.20 5.92 8.45
N SER A 323 -0.78 5.24 9.04
CA SER A 323 -2.17 5.64 8.94
C SER A 323 -2.51 6.00 7.49
N PRO A 324 -2.18 5.12 6.55
CA PRO A 324 -2.46 5.40 5.15
C PRO A 324 -3.90 5.73 4.79
N THR A 325 -4.88 5.10 5.46
CA THR A 325 -6.26 5.37 5.12
C THR A 325 -6.69 6.78 5.45
N LEU A 326 -5.87 7.48 6.22
CA LEU A 326 -6.19 8.84 6.60
C LEU A 326 -5.78 9.86 5.53
N THR A 327 -5.44 9.36 4.33
CA THR A 327 -5.04 10.20 3.22
C THR A 327 -6.02 9.93 2.09
N SER A 328 -6.36 10.97 1.34
CA SER A 328 -7.30 10.83 0.23
C SER A 328 -6.85 9.85 -0.85
N ASN A 329 -5.59 9.96 -1.26
CA ASN A 329 -5.03 9.10 -2.30
C ASN A 329 -5.09 7.61 -2.00
N TYR A 330 -5.25 7.25 -0.75
CA TYR A 330 -5.32 5.84 -0.42
C TYR A 330 -6.56 5.19 -1.02
N HIS A 331 -7.67 5.93 -1.00
CA HIS A 331 -8.96 5.43 -1.43
C HIS A 331 -9.35 5.30 -2.90
N HIS A 332 -8.40 5.53 -3.80
CA HIS A 332 -8.67 5.35 -5.22
C HIS A 332 -7.36 5.06 -5.93
N GLY A 333 -7.45 4.59 -7.17
CA GLY A 333 -6.25 4.26 -7.91
C GLY A 333 -5.70 5.43 -8.70
N TYR A 334 -4.49 5.24 -9.21
CA TYR A 334 -3.81 6.25 -10.01
C TYR A 334 -3.30 5.63 -11.30
N ASP A 335 -3.19 6.47 -12.32
CA ASP A 335 -2.68 6.04 -13.61
C ASP A 335 -1.16 6.16 -13.56
N ASN A 336 -0.49 5.01 -13.42
CA ASN A 336 0.96 4.95 -13.31
C ASN A 336 1.70 5.23 -14.61
N THR A 337 1.02 5.80 -15.60
CA THR A 337 1.66 6.11 -16.88
C THR A 337 2.80 7.09 -16.68
N VAL A 338 3.98 6.70 -17.15
CA VAL A 338 5.18 7.52 -17.01
C VAL A 338 5.43 8.35 -18.26
N LYS A 339 5.30 9.67 -18.11
CA LYS A 339 5.49 10.60 -19.20
C LYS A 339 6.88 11.25 -19.19
N ASP A 340 7.17 12.03 -20.23
CA ASP A 340 8.45 12.73 -20.38
C ASP A 340 8.15 14.22 -20.27
N PRO A 341 9.05 15.01 -19.64
CA PRO A 341 10.33 14.65 -19.01
C PRO A 341 10.11 13.89 -17.71
N ASN A 342 11.14 13.21 -17.22
CA ASN A 342 11.00 12.46 -15.97
C ASN A 342 12.34 12.03 -15.39
N PHE A 343 12.28 11.40 -14.22
CA PHE A 343 13.46 10.90 -13.53
C PHE A 343 13.41 9.37 -13.56
N PHE A 344 14.51 8.74 -13.94
CA PHE A 344 14.54 7.28 -13.99
C PHE A 344 15.74 6.74 -13.22
N TYR A 345 15.67 5.46 -12.88
CA TYR A 345 16.77 4.82 -12.15
C TYR A 345 17.85 4.52 -13.18
N LYS A 346 19.09 4.35 -12.72
CA LYS A 346 20.18 4.03 -13.63
C LYS A 346 20.15 2.52 -13.87
N LYS A 347 20.47 2.11 -15.09
CA LYS A 347 20.46 0.71 -15.51
C LYS A 347 21.45 -0.23 -14.80
N HIS B 1 -16.85 -26.76 -25.61
CA HIS B 1 -15.40 -26.97 -25.92
C HIS B 1 -14.50 -26.11 -25.05
N HIS B 2 -14.86 -24.85 -24.90
CA HIS B 2 -14.11 -23.90 -24.08
C HIS B 2 -14.24 -24.40 -22.64
N LEU B 3 -15.42 -24.94 -22.34
CA LEU B 3 -15.71 -25.45 -21.01
C LEU B 3 -14.79 -26.64 -20.70
N PHE B 4 -14.69 -27.55 -21.65
CA PHE B 4 -13.85 -28.74 -21.49
C PHE B 4 -12.38 -28.38 -21.26
N LYS B 5 -11.93 -27.34 -21.96
CA LYS B 5 -10.55 -26.89 -21.83
C LYS B 5 -10.26 -26.55 -20.37
N GLU B 6 -11.13 -25.73 -19.78
CA GLU B 6 -10.97 -25.32 -18.40
C GLU B 6 -11.15 -26.47 -17.41
N ALA B 7 -12.07 -27.38 -17.70
CA ALA B 7 -12.32 -28.53 -16.83
C ALA B 7 -11.04 -29.38 -16.79
N GLN B 8 -10.46 -29.56 -17.96
CA GLN B 8 -9.25 -30.34 -18.14
C GLN B 8 -8.09 -29.73 -17.39
N ALA B 9 -7.92 -28.42 -17.52
CA ALA B 9 -6.83 -27.73 -16.83
C ALA B 9 -6.97 -27.92 -15.31
N PHE B 10 -8.22 -27.83 -14.84
CA PHE B 10 -8.50 -27.99 -13.42
C PHE B 10 -8.20 -29.41 -12.96
N ILE B 11 -8.78 -30.37 -13.69
CA ILE B 11 -8.61 -31.78 -13.37
C ILE B 11 -7.13 -32.13 -13.33
N GLU B 12 -6.40 -31.72 -14.37
CA GLU B 12 -4.98 -32.01 -14.42
C GLU B 12 -4.20 -31.37 -13.28
N ASN B 13 -4.42 -30.08 -13.06
CA ASN B 13 -3.72 -29.40 -11.97
C ASN B 13 -4.02 -30.11 -10.65
N MET B 14 -5.31 -30.35 -10.39
CA MET B 14 -5.73 -30.99 -9.15
C MET B 14 -5.23 -32.42 -8.94
N TYR B 15 -5.55 -33.30 -9.88
CA TYR B 15 -5.14 -34.69 -9.77
C TYR B 15 -3.62 -34.87 -9.72
N LYS B 16 -2.92 -33.95 -10.36
CA LYS B 16 -1.45 -33.96 -10.37
C LYS B 16 -1.01 -33.68 -8.95
N GLU B 17 -1.69 -32.74 -8.31
CA GLU B 17 -1.39 -32.38 -6.94
C GLU B 17 -1.67 -33.51 -5.97
N CYS B 18 -2.66 -34.34 -6.29
CA CYS B 18 -3.02 -35.46 -5.43
C CYS B 18 -2.26 -36.73 -5.80
N HIS B 19 -1.34 -36.59 -6.74
CA HIS B 19 -0.49 -37.69 -7.19
C HIS B 19 -1.26 -38.86 -7.82
N TYR B 20 -2.37 -38.54 -8.49
CA TYR B 20 -3.17 -39.58 -9.14
C TYR B 20 -2.59 -40.03 -10.47
N GLU B 21 -2.53 -41.35 -10.65
CA GLU B 21 -1.99 -41.98 -11.85
C GLU B 21 -2.61 -41.37 -13.12
N THR B 22 -1.83 -41.34 -14.19
CA THR B 22 -2.29 -40.78 -15.47
C THR B 22 -3.60 -41.40 -15.95
N GLN B 23 -3.71 -42.71 -15.82
CA GLN B 23 -4.90 -43.43 -16.23
C GLN B 23 -6.16 -42.94 -15.50
N ILE B 24 -6.00 -42.60 -14.22
CA ILE B 24 -7.12 -42.10 -13.42
C ILE B 24 -7.63 -40.79 -14.00
N ILE B 25 -6.69 -39.89 -14.30
CA ILE B 25 -7.01 -38.58 -14.86
C ILE B 25 -7.73 -38.69 -16.21
N ASN B 26 -7.17 -39.47 -17.12
CA ASN B 26 -7.74 -39.65 -18.46
C ASN B 26 -9.15 -40.24 -18.44
N LYS B 27 -9.40 -41.12 -17.48
CA LYS B 27 -10.70 -41.74 -17.34
C LYS B 27 -11.70 -40.67 -16.92
N ARG B 28 -11.29 -39.84 -15.95
CA ARG B 28 -12.14 -38.76 -15.46
C ARG B 28 -12.46 -37.73 -16.55
N LEU B 29 -11.44 -37.38 -17.32
CA LEU B 29 -11.62 -36.43 -18.41
C LEU B 29 -12.61 -36.95 -19.46
N HIS B 30 -12.61 -38.27 -19.65
CA HIS B 30 -13.53 -38.87 -20.60
C HIS B 30 -14.95 -38.64 -20.14
N ASP B 31 -15.22 -39.06 -18.89
CA ASP B 31 -16.55 -38.93 -18.31
C ASP B 31 -17.05 -37.48 -18.39
N ILE B 32 -16.16 -36.53 -18.14
CA ILE B 32 -16.48 -35.11 -18.20
C ILE B 32 -16.78 -34.69 -19.64
N GLU B 33 -15.93 -35.11 -20.58
CA GLU B 33 -16.11 -34.80 -21.99
C GLU B 33 -17.46 -35.34 -22.44
N LEU B 34 -17.75 -36.57 -22.00
CA LEU B 34 -18.99 -37.26 -22.31
C LEU B 34 -20.22 -36.47 -21.86
N GLU B 35 -20.31 -36.16 -20.56
CA GLU B 35 -21.48 -35.44 -20.06
C GLU B 35 -21.63 -33.99 -20.49
N ILE B 36 -20.60 -33.42 -21.13
CA ILE B 36 -20.69 -32.04 -21.60
C ILE B 36 -21.46 -32.08 -22.93
N LYS B 37 -21.19 -33.11 -23.72
CA LYS B 37 -21.84 -33.31 -25.00
C LYS B 37 -23.30 -33.67 -24.83
N GLU B 38 -23.60 -34.45 -23.80
CA GLU B 38 -24.95 -34.88 -23.52
C GLU B 38 -25.81 -33.89 -22.72
N THR B 39 -25.19 -33.00 -21.95
CA THR B 39 -25.98 -32.08 -21.12
C THR B 39 -25.64 -30.60 -21.16
N GLY B 40 -24.51 -30.25 -21.77
CA GLY B 40 -24.12 -28.85 -21.81
C GLY B 40 -22.93 -28.58 -20.90
N THR B 41 -23.03 -28.96 -19.63
CA THR B 41 -21.92 -28.78 -18.67
C THR B 41 -21.61 -30.14 -18.07
N TYR B 42 -20.91 -30.14 -16.94
CA TYR B 42 -20.59 -31.39 -16.25
C TYR B 42 -20.79 -31.20 -14.76
N THR B 43 -20.74 -32.30 -14.01
CA THR B 43 -20.93 -32.26 -12.57
C THR B 43 -19.62 -32.58 -11.87
N HIS B 44 -19.32 -31.79 -10.84
CA HIS B 44 -18.09 -31.98 -10.09
C HIS B 44 -18.19 -33.10 -9.08
N THR B 45 -17.16 -33.94 -9.07
CA THR B 45 -17.07 -35.00 -8.11
C THR B 45 -17.02 -34.31 -6.74
N GLU B 46 -17.67 -34.88 -5.74
CA GLU B 46 -17.67 -34.27 -4.41
C GLU B 46 -16.26 -33.94 -3.91
N GLU B 47 -15.31 -34.77 -4.29
CA GLU B 47 -13.92 -34.55 -3.91
C GLU B 47 -13.40 -33.30 -4.64
N GLU B 48 -13.71 -33.21 -5.93
CA GLU B 48 -13.30 -32.08 -6.76
C GLU B 48 -13.90 -30.78 -6.22
N LEU B 49 -15.15 -30.86 -5.75
CA LEU B 49 -15.82 -29.69 -5.20
C LEU B 49 -15.11 -29.21 -3.93
N ILE B 50 -14.77 -30.15 -3.06
CA ILE B 50 -14.07 -29.84 -1.80
C ILE B 50 -12.66 -29.30 -2.04
N TYR B 51 -11.90 -29.98 -2.90
CA TYR B 51 -10.54 -29.55 -3.20
C TYR B 51 -10.55 -28.32 -4.10
N GLY B 52 -11.55 -28.23 -4.97
CA GLY B 52 -11.67 -27.08 -5.84
C GLY B 52 -11.88 -25.81 -5.05
N ALA B 53 -12.72 -25.88 -4.01
CA ALA B 53 -13.00 -24.72 -3.16
C ALA B 53 -11.75 -24.29 -2.42
N LYS B 54 -10.95 -25.26 -1.98
CA LYS B 54 -9.71 -24.97 -1.26
C LYS B 54 -8.65 -24.35 -2.18
N MET B 55 -8.64 -24.76 -3.44
CA MET B 55 -7.71 -24.19 -4.39
C MET B 55 -8.14 -22.75 -4.71
N ALA B 56 -9.44 -22.49 -4.61
CA ALA B 56 -10.00 -21.15 -4.87
C ALA B 56 -9.51 -20.20 -3.79
N TRP B 57 -9.57 -20.64 -2.54
CA TRP B 57 -9.12 -19.82 -1.42
C TRP B 57 -7.59 -19.63 -1.52
N ARG B 58 -6.89 -20.68 -1.90
CA ARG B 58 -5.44 -20.64 -2.02
C ARG B 58 -4.97 -19.72 -3.14
N ASN B 59 -5.79 -19.56 -4.17
CA ASN B 59 -5.43 -18.70 -5.29
C ASN B 59 -5.87 -17.24 -5.11
N SER B 60 -6.60 -16.94 -4.04
CA SER B 60 -7.11 -15.59 -3.78
C SER B 60 -6.02 -14.55 -3.43
N ASN B 61 -5.52 -13.88 -4.46
CA ASN B 61 -4.46 -12.88 -4.33
C ASN B 61 -4.69 -11.79 -3.29
N ARG B 62 -5.94 -11.51 -2.95
CA ARG B 62 -6.25 -10.44 -2.00
C ARG B 62 -6.39 -10.88 -0.53
N CYS B 63 -6.24 -12.18 -0.28
CA CYS B 63 -6.38 -12.75 1.06
C CYS B 63 -5.08 -12.98 1.82
N ILE B 64 -4.94 -12.34 2.97
CA ILE B 64 -3.73 -12.47 3.78
C ILE B 64 -3.78 -13.71 4.66
N GLY B 65 -4.96 -14.28 4.84
CA GLY B 65 -5.10 -15.45 5.69
C GLY B 65 -5.05 -16.82 5.04
N ARG B 66 -4.42 -16.93 3.87
CA ARG B 66 -4.32 -18.18 3.12
C ARG B 66 -3.54 -19.34 3.77
N LEU B 67 -2.87 -19.08 4.87
CA LEU B 67 -2.14 -20.15 5.54
C LEU B 67 -3.10 -21.28 5.92
N PHE B 68 -4.37 -20.92 6.14
CA PHE B 68 -5.38 -21.87 6.56
C PHE B 68 -6.26 -22.52 5.49
N TRP B 69 -5.97 -22.26 4.22
CA TRP B 69 -6.75 -22.79 3.09
C TRP B 69 -7.05 -24.30 3.17
N ASP B 70 -6.04 -25.04 3.62
CA ASP B 70 -6.09 -26.50 3.80
C ASP B 70 -7.25 -26.91 4.71
N SER B 71 -7.55 -26.07 5.70
CA SER B 71 -8.60 -26.34 6.67
C SER B 71 -10.01 -25.87 6.34
N LEU B 72 -10.28 -25.52 5.10
CA LEU B 72 -11.63 -25.05 4.75
C LEU B 72 -12.68 -26.16 4.86
N ASN B 73 -13.75 -25.87 5.59
CA ASN B 73 -14.84 -26.83 5.76
C ASN B 73 -15.87 -26.61 4.67
N VAL B 74 -15.91 -27.55 3.72
CA VAL B 74 -16.81 -27.46 2.59
C VAL B 74 -18.11 -28.24 2.77
N ILE B 75 -19.21 -27.55 2.55
CA ILE B 75 -20.55 -28.12 2.64
C ILE B 75 -21.15 -28.11 1.24
N ASP B 76 -21.50 -29.30 0.75
CA ASP B 76 -22.10 -29.44 -0.57
C ASP B 76 -23.61 -29.32 -0.40
N ALA B 77 -24.19 -28.29 -0.99
CA ALA B 77 -25.63 -28.08 -0.89
C ALA B 77 -26.24 -27.87 -2.26
N ARG B 78 -25.64 -28.52 -3.27
CA ARG B 78 -26.14 -28.42 -4.63
C ARG B 78 -27.52 -29.07 -4.80
N ASP B 79 -27.95 -29.81 -3.78
CA ASP B 79 -29.23 -30.50 -3.81
C ASP B 79 -30.38 -29.66 -3.26
N VAL B 80 -30.06 -28.61 -2.50
CA VAL B 80 -31.07 -27.74 -1.91
C VAL B 80 -31.83 -26.98 -3.00
N THR B 81 -33.14 -27.18 -3.04
CA THR B 81 -33.99 -26.52 -4.03
C THR B 81 -35.26 -25.97 -3.42
N ASP B 82 -35.52 -26.31 -2.16
CA ASP B 82 -36.72 -25.82 -1.49
C ASP B 82 -36.30 -24.76 -0.47
N GLU B 83 -37.20 -23.85 -0.18
CA GLU B 83 -36.96 -22.74 0.74
C GLU B 83 -36.58 -23.10 2.17
N ALA B 84 -37.40 -23.94 2.82
CA ALA B 84 -37.15 -24.33 4.21
C ALA B 84 -35.77 -24.92 4.45
N SER B 85 -35.31 -25.71 3.47
CA SER B 85 -34.00 -26.34 3.57
C SER B 85 -32.91 -25.33 3.30
N PHE B 86 -33.21 -24.36 2.44
CA PHE B 86 -32.24 -23.34 2.11
C PHE B 86 -31.94 -22.54 3.35
N LEU B 87 -32.99 -22.09 4.03
CA LEU B 87 -32.80 -21.30 5.23
C LEU B 87 -32.08 -22.12 6.30
N SER B 88 -32.53 -23.34 6.50
CA SER B 88 -31.93 -24.23 7.47
C SER B 88 -30.43 -24.36 7.21
N SER B 89 -30.07 -24.52 5.94
CA SER B 89 -28.66 -24.65 5.59
C SER B 89 -27.88 -23.37 5.92
N ILE B 90 -28.54 -22.21 5.90
CA ILE B 90 -27.89 -20.94 6.19
C ILE B 90 -27.61 -20.85 7.67
N THR B 91 -28.62 -21.09 8.49
CA THR B 91 -28.42 -21.01 9.94
C THR B 91 -27.38 -22.05 10.33
N TYR B 92 -27.33 -23.16 9.61
CA TYR B 92 -26.36 -24.21 9.89
C TYR B 92 -24.94 -23.71 9.67
N HIS B 93 -24.72 -23.03 8.55
CA HIS B 93 -23.40 -22.51 8.23
C HIS B 93 -23.01 -21.52 9.31
N ILE B 94 -23.90 -20.59 9.61
CA ILE B 94 -23.63 -19.59 10.61
C ILE B 94 -23.31 -20.21 11.97
N THR B 95 -24.08 -21.23 12.32
CA THR B 95 -23.90 -21.94 13.58
C THR B 95 -22.52 -22.58 13.64
N GLN B 96 -22.23 -23.43 12.66
CA GLN B 96 -20.95 -24.15 12.55
C GLN B 96 -19.76 -23.20 12.46
N ALA B 97 -19.93 -22.14 11.69
CA ALA B 97 -18.91 -21.13 11.49
C ALA B 97 -18.56 -20.43 12.80
N THR B 98 -19.58 -19.89 13.45
CA THR B 98 -19.38 -19.21 14.73
C THR B 98 -18.73 -20.16 15.74
N ASN B 99 -19.35 -21.32 15.94
CA ASN B 99 -18.85 -22.34 16.86
C ASN B 99 -18.58 -21.79 18.26
N GLU B 100 -19.49 -20.95 18.73
CA GLU B 100 -19.40 -20.33 20.05
C GLU B 100 -18.20 -19.41 20.27
N GLY B 101 -17.58 -18.94 19.19
CA GLY B 101 -16.44 -18.05 19.31
C GLY B 101 -15.17 -18.61 18.67
N LYS B 102 -15.06 -19.93 18.65
CA LYS B 102 -13.92 -20.59 18.06
C LYS B 102 -14.26 -20.70 16.58
N LEU B 103 -14.23 -19.56 15.90
CA LEU B 103 -14.57 -19.51 14.50
C LEU B 103 -13.85 -20.54 13.63
N LYS B 104 -14.58 -21.09 12.67
CA LYS B 104 -14.04 -22.08 11.76
C LYS B 104 -14.41 -21.65 10.35
N PRO B 105 -13.47 -21.80 9.39
CA PRO B 105 -13.70 -21.42 8.00
C PRO B 105 -14.63 -22.43 7.34
N TYR B 106 -15.73 -21.92 6.80
CA TYR B 106 -16.74 -22.75 6.15
C TYR B 106 -17.18 -22.12 4.84
N ILE B 107 -17.69 -22.94 3.94
CA ILE B 107 -18.26 -22.46 2.69
C ILE B 107 -19.38 -23.40 2.28
N THR B 108 -20.54 -22.84 1.96
CA THR B 108 -21.66 -23.67 1.52
C THR B 108 -21.87 -23.38 0.04
N ILE B 109 -21.67 -24.42 -0.77
CA ILE B 109 -21.84 -24.29 -2.22
C ILE B 109 -23.20 -24.82 -2.63
N TYR B 110 -24.04 -23.92 -3.14
CA TYR B 110 -25.38 -24.27 -3.60
C TYR B 110 -25.32 -24.65 -5.08
N ALA B 111 -26.47 -24.99 -5.67
CA ALA B 111 -26.52 -25.40 -7.08
C ALA B 111 -26.04 -24.34 -8.06
N PRO B 112 -25.23 -24.75 -9.04
CA PRO B 112 -24.69 -23.84 -10.07
C PRO B 112 -25.71 -23.33 -11.08
N LYS B 113 -26.86 -24.01 -11.14
CA LYS B 113 -27.93 -23.63 -12.07
C LYS B 113 -29.27 -23.85 -11.39
N ASP B 114 -30.13 -22.83 -11.42
CA ASP B 114 -31.45 -22.92 -10.81
C ASP B 114 -31.42 -23.19 -9.30
N GLY B 115 -30.54 -22.49 -8.60
CA GLY B 115 -30.45 -22.68 -7.16
C GLY B 115 -30.87 -21.42 -6.42
N PRO B 116 -30.76 -21.40 -5.09
CA PRO B 116 -31.12 -20.24 -4.28
C PRO B 116 -30.30 -19.03 -4.69
N LYS B 117 -30.89 -17.86 -4.60
CA LYS B 117 -30.20 -16.62 -4.97
C LYS B 117 -30.08 -15.77 -3.70
N ILE B 118 -28.92 -15.17 -3.47
CA ILE B 118 -28.71 -14.33 -2.27
C ILE B 118 -28.33 -12.90 -2.67
N PHE B 119 -28.92 -11.92 -2.00
CA PHE B 119 -28.65 -10.54 -2.34
C PHE B 119 -27.73 -9.77 -1.37
N ASN B 120 -27.55 -10.29 -0.17
CA ASN B 120 -26.68 -9.63 0.81
C ASN B 120 -25.24 -9.58 0.33
N ASN B 121 -24.45 -8.68 0.89
CA ASN B 121 -23.03 -8.59 0.57
C ASN B 121 -22.33 -9.59 1.48
N GLN B 122 -22.78 -9.67 2.73
CA GLN B 122 -22.29 -10.64 3.70
C GLN B 122 -23.56 -11.14 4.39
N LEU B 123 -23.57 -12.42 4.76
CA LEU B 123 -24.74 -12.97 5.41
C LEU B 123 -25.11 -12.08 6.60
N ILE B 124 -24.10 -11.50 7.23
CA ILE B 124 -24.31 -10.64 8.37
C ILE B 124 -23.70 -9.27 8.14
N ARG B 125 -24.55 -8.25 8.16
CA ARG B 125 -24.11 -6.87 7.95
C ARG B 125 -25.08 -5.94 8.67
N TYR B 126 -24.59 -4.76 9.04
CA TYR B 126 -25.44 -3.79 9.71
C TYR B 126 -26.14 -2.91 8.66
N ALA B 127 -27.38 -2.54 8.97
CA ALA B 127 -28.19 -1.72 8.08
C ALA B 127 -27.58 -0.34 7.84
N GLY B 128 -27.84 0.22 6.66
CA GLY B 128 -27.32 1.53 6.32
C GLY B 128 -28.46 2.48 6.00
N TYR B 129 -28.59 3.53 6.82
CA TYR B 129 -29.64 4.53 6.66
C TYR B 129 -29.10 5.87 6.18
N ASP B 130 -30.00 6.84 6.05
CA ASP B 130 -29.63 8.18 5.59
C ASP B 130 -29.01 9.00 6.72
N ASN B 131 -29.31 8.66 7.96
CA ASN B 131 -28.79 9.43 9.08
C ASN B 131 -27.95 8.63 10.08
N CYS B 132 -27.78 7.34 9.81
CA CYS B 132 -26.96 6.48 10.66
C CYS B 132 -26.77 5.11 10.00
N GLY B 133 -26.05 4.22 10.69
CA GLY B 133 -25.80 2.89 10.15
C GLY B 133 -24.63 2.85 9.17
N ASP B 134 -24.45 1.71 8.51
CA ASP B 134 -23.35 1.55 7.57
C ASP B 134 -23.70 2.03 6.16
N PRO B 135 -23.16 3.20 5.76
CA PRO B 135 -23.38 3.80 4.43
C PRO B 135 -23.22 2.79 3.31
N ALA B 136 -22.38 1.79 3.56
CA ALA B 136 -22.08 0.74 2.59
C ALA B 136 -23.25 -0.19 2.32
N GLU B 137 -24.17 -0.28 3.28
CA GLU B 137 -25.32 -1.17 3.15
C GLU B 137 -26.62 -0.43 2.85
N LYS B 138 -26.51 0.78 2.32
CA LYS B 138 -27.70 1.54 1.97
C LYS B 138 -28.56 0.79 0.94
N GLU B 139 -27.95 0.45 -0.19
CA GLU B 139 -28.64 -0.26 -1.27
C GLU B 139 -29.34 -1.52 -0.78
N VAL B 140 -28.65 -2.33 0.00
CA VAL B 140 -29.22 -3.56 0.51
C VAL B 140 -30.32 -3.28 1.53
N THR B 141 -30.16 -2.20 2.30
CA THR B 141 -31.15 -1.85 3.31
C THR B 141 -32.42 -1.31 2.65
N ARG B 142 -32.26 -0.61 1.53
CA ARG B 142 -33.40 -0.07 0.82
C ARG B 142 -34.23 -1.27 0.40
N LEU B 143 -33.56 -2.29 -0.13
CA LEU B 143 -34.24 -3.50 -0.58
C LEU B 143 -34.97 -4.20 0.55
N ALA B 144 -34.33 -4.29 1.70
CA ALA B 144 -34.93 -4.95 2.86
C ALA B 144 -36.23 -4.25 3.25
N ASN B 145 -36.18 -2.92 3.33
CA ASN B 145 -37.32 -2.10 3.70
C ASN B 145 -38.47 -2.22 2.70
N HIS B 146 -38.12 -2.25 1.42
CA HIS B 146 -39.10 -2.38 0.34
C HIS B 146 -39.86 -3.71 0.48
N LEU B 147 -39.15 -4.73 0.91
CA LEU B 147 -39.70 -6.07 1.09
C LEU B 147 -40.50 -6.18 2.37
N GLY B 148 -40.64 -5.09 3.10
CA GLY B 148 -41.41 -5.14 4.32
C GLY B 148 -40.59 -5.31 5.59
N TRP B 149 -39.28 -5.37 5.48
CA TRP B 149 -38.44 -5.50 6.67
C TRP B 149 -38.33 -4.15 7.37
N LYS B 150 -38.29 -4.16 8.70
CA LYS B 150 -38.18 -2.92 9.47
C LYS B 150 -37.34 -3.13 10.72
N GLY B 151 -36.20 -2.44 10.79
CA GLY B 151 -35.31 -2.57 11.93
C GLY B 151 -35.54 -1.48 12.94
N LYS B 152 -34.95 -1.62 14.13
CA LYS B 152 -35.08 -0.65 15.22
C LYS B 152 -34.53 0.73 14.86
N GLY B 153 -33.92 0.83 13.68
CA GLY B 153 -33.35 2.09 13.22
C GLY B 153 -32.10 2.58 13.94
N THR B 154 -31.27 1.67 14.45
CA THR B 154 -30.04 2.05 15.15
C THR B 154 -28.82 2.06 14.22
N ASN B 155 -27.65 2.27 14.81
CA ASN B 155 -26.41 2.29 14.06
C ASN B 155 -25.98 0.86 13.77
N PHE B 156 -26.59 -0.09 14.49
CA PHE B 156 -26.24 -1.50 14.31
C PHE B 156 -27.42 -2.45 14.18
N ASP B 157 -28.25 -2.24 13.17
CA ASP B 157 -29.39 -3.11 12.93
C ASP B 157 -28.92 -4.26 12.06
N VAL B 158 -28.93 -5.47 12.59
CA VAL B 158 -28.51 -6.61 11.79
C VAL B 158 -29.53 -6.83 10.67
N LEU B 159 -29.07 -6.68 9.43
CA LEU B 159 -29.93 -6.85 8.26
C LEU B 159 -30.42 -8.29 8.15
N PRO B 160 -31.51 -8.51 7.40
CA PRO B 160 -32.06 -9.84 7.21
C PRO B 160 -31.54 -10.47 5.92
N LEU B 161 -31.54 -11.81 5.86
CA LEU B 161 -31.09 -12.49 4.66
C LEU B 161 -32.11 -12.14 3.60
N ILE B 162 -31.66 -11.89 2.39
CA ILE B 162 -32.57 -11.59 1.30
C ILE B 162 -32.25 -12.60 0.22
N TYR B 163 -33.22 -13.44 -0.08
CA TYR B 163 -33.04 -14.50 -1.05
C TYR B 163 -34.21 -14.67 -2.03
N GLN B 164 -34.00 -15.52 -3.02
CA GLN B 164 -35.00 -15.80 -4.03
C GLN B 164 -34.77 -17.16 -4.66
N LEU B 165 -35.75 -18.04 -4.50
CA LEU B 165 -35.69 -19.37 -5.07
C LEU B 165 -36.30 -19.25 -6.45
N PRO B 166 -35.91 -20.14 -7.38
CA PRO B 166 -36.45 -20.09 -8.74
C PRO B 166 -37.98 -19.93 -8.79
N ASN B 167 -38.46 -19.13 -9.73
CA ASN B 167 -39.88 -18.89 -9.90
C ASN B 167 -40.58 -18.57 -8.59
N GLU B 168 -40.05 -17.59 -7.87
CA GLU B 168 -40.63 -17.14 -6.61
C GLU B 168 -40.17 -15.73 -6.29
N SER B 169 -41.03 -14.99 -5.62
CA SER B 169 -40.72 -13.61 -5.25
C SER B 169 -39.51 -13.56 -4.33
N VAL B 170 -38.86 -12.39 -4.29
CA VAL B 170 -37.70 -12.17 -3.44
C VAL B 170 -38.22 -11.99 -2.03
N LYS B 171 -37.67 -12.75 -1.09
CA LYS B 171 -38.11 -12.66 0.28
C LYS B 171 -36.96 -12.30 1.19
N PHE B 172 -37.28 -12.01 2.44
CA PHE B 172 -36.28 -11.68 3.41
C PHE B 172 -36.52 -12.57 4.61
N TYR B 173 -35.45 -12.88 5.33
CA TYR B 173 -35.53 -13.72 6.51
C TYR B 173 -34.65 -13.16 7.63
N GLU B 174 -35.24 -12.98 8.81
CA GLU B 174 -34.49 -12.46 9.96
C GLU B 174 -33.91 -13.59 10.79
N TYR B 175 -32.61 -13.51 11.06
CA TYR B 175 -31.95 -14.54 11.86
C TYR B 175 -32.39 -14.42 13.32
N PRO B 176 -32.47 -15.55 14.01
CA PRO B 176 -32.87 -15.47 15.43
C PRO B 176 -31.78 -14.63 16.10
N THR B 177 -32.11 -13.95 17.19
CA THR B 177 -31.11 -13.13 17.88
C THR B 177 -29.95 -14.01 18.32
N SER B 178 -30.29 -15.09 19.01
CA SER B 178 -29.30 -16.04 19.50
C SER B 178 -28.30 -16.50 18.43
N LEU B 179 -28.71 -16.39 17.17
CA LEU B 179 -27.86 -16.84 16.07
C LEU B 179 -26.70 -15.93 15.72
N ILE B 180 -26.88 -14.62 15.89
CA ILE B 180 -25.83 -13.67 15.53
C ILE B 180 -24.96 -13.17 16.68
N LYS B 181 -23.75 -13.72 16.78
CA LYS B 181 -22.80 -13.35 17.82
C LYS B 181 -22.21 -11.96 17.53
N GLU B 182 -22.31 -11.06 18.52
CA GLU B 182 -21.78 -9.71 18.38
C GLU B 182 -20.82 -9.37 19.52
N VAL B 183 -19.99 -8.35 19.30
CA VAL B 183 -19.01 -7.94 20.29
C VAL B 183 -19.02 -6.43 20.59
N PRO B 184 -19.25 -6.07 21.86
CA PRO B 184 -19.28 -4.67 22.29
C PRO B 184 -17.83 -4.18 22.34
N ILE B 185 -17.56 -3.01 21.79
CA ILE B 185 -16.20 -2.49 21.79
C ILE B 185 -15.93 -1.59 23.00
N GLU B 186 -14.82 -1.85 23.68
CA GLU B 186 -14.46 -1.07 24.84
C GLU B 186 -12.95 -1.09 24.99
N HIS B 187 -12.42 -0.04 25.62
CA HIS B 187 -10.99 0.06 25.84
C HIS B 187 -10.74 0.11 27.34
N ASN B 188 -9.90 -0.80 27.83
CA ASN B 188 -9.58 -0.91 29.25
C ASN B 188 -9.08 0.40 29.85
N HIS B 189 -8.23 1.07 29.10
CA HIS B 189 -7.64 2.31 29.55
C HIS B 189 -8.51 3.54 29.29
N TYR B 190 -9.61 3.37 28.56
CA TYR B 190 -10.48 4.50 28.24
C TYR B 190 -11.97 4.20 28.40
N PRO B 191 -12.49 4.38 29.63
CA PRO B 191 -13.89 4.14 29.98
C PRO B 191 -14.93 4.87 29.12
N LYS B 192 -14.54 6.01 28.54
CA LYS B 192 -15.44 6.79 27.70
C LYS B 192 -15.78 6.11 26.38
N LEU B 193 -14.93 5.21 25.94
CA LEU B 193 -15.18 4.51 24.67
C LEU B 193 -16.41 3.62 24.74
N ARG B 194 -16.63 3.01 25.90
CA ARG B 194 -17.81 2.16 26.10
C ARG B 194 -19.07 2.96 25.87
N LYS B 195 -19.06 4.20 26.36
CA LYS B 195 -20.19 5.10 26.23
C LYS B 195 -20.63 5.36 24.79
N LEU B 196 -19.79 4.98 23.83
CA LEU B 196 -20.13 5.16 22.42
C LEU B 196 -21.04 4.04 21.90
N ASN B 197 -21.17 2.97 22.68
CA ASN B 197 -22.03 1.83 22.33
C ASN B 197 -21.70 1.24 20.98
N LEU B 198 -20.43 0.94 20.78
CA LEU B 198 -19.97 0.37 19.53
C LEU B 198 -19.92 -1.15 19.65
N LYS B 199 -19.98 -1.81 18.50
CA LYS B 199 -19.92 -3.27 18.46
C LYS B 199 -19.79 -3.72 17.01
N TRP B 200 -19.53 -5.00 16.83
CA TRP B 200 -19.40 -5.57 15.49
C TRP B 200 -19.70 -7.06 15.56
N TYR B 201 -20.14 -7.63 14.44
CA TYR B 201 -20.44 -9.06 14.42
C TYR B 201 -19.15 -9.89 14.34
N ALA B 202 -19.23 -11.12 14.81
CA ALA B 202 -18.09 -12.03 14.86
C ALA B 202 -17.65 -12.65 13.57
N VAL B 203 -18.61 -13.09 12.76
CA VAL B 203 -18.26 -13.76 11.52
C VAL B 203 -18.44 -13.01 10.23
N PRO B 204 -17.34 -12.84 9.48
CA PRO B 204 -17.40 -12.16 8.19
C PRO B 204 -17.69 -13.27 7.17
N ILE B 205 -18.89 -13.26 6.60
CA ILE B 205 -19.29 -14.28 5.61
C ILE B 205 -19.64 -13.66 4.27
N ILE B 206 -18.69 -13.66 3.34
CA ILE B 206 -18.91 -13.08 2.02
C ILE B 206 -19.91 -13.89 1.22
N SER B 207 -20.97 -13.23 0.78
CA SER B 207 -22.05 -13.85 0.01
C SER B 207 -22.35 -13.11 -1.30
N ASN B 208 -21.36 -12.39 -1.82
CA ASN B 208 -21.57 -11.67 -3.07
C ASN B 208 -20.53 -11.97 -4.16
N MET B 209 -19.90 -13.14 -4.09
CA MET B 209 -18.91 -13.51 -5.08
C MET B 209 -19.21 -14.81 -5.78
N ASP B 210 -18.64 -14.96 -6.96
CA ASP B 210 -18.81 -16.17 -7.74
C ASP B 210 -17.63 -17.06 -7.48
N LEU B 211 -17.89 -18.35 -7.33
CA LEU B 211 -16.84 -19.32 -7.14
C LEU B 211 -16.72 -20.02 -8.50
N LYS B 212 -15.53 -20.00 -9.09
CA LYS B 212 -15.34 -20.67 -10.37
C LYS B 212 -14.36 -21.82 -10.27
N ILE B 213 -14.81 -23.01 -10.66
CA ILE B 213 -14.00 -24.22 -10.62
C ILE B 213 -14.08 -24.97 -11.94
N GLY B 214 -12.96 -25.05 -12.65
CA GLY B 214 -12.93 -25.74 -13.93
C GLY B 214 -14.05 -25.40 -14.89
N GLY B 215 -14.28 -24.11 -15.11
CA GLY B 215 -15.35 -23.71 -16.00
C GLY B 215 -16.71 -23.60 -15.37
N ILE B 216 -16.92 -24.31 -14.26
CA ILE B 216 -18.20 -24.28 -13.58
C ILE B 216 -18.30 -23.08 -12.66
N VAL B 217 -19.33 -22.27 -12.88
CA VAL B 217 -19.55 -21.09 -12.06
C VAL B 217 -20.62 -21.36 -11.01
N TYR B 218 -20.24 -21.17 -9.75
CA TYR B 218 -21.14 -21.34 -8.61
C TYR B 218 -21.43 -19.94 -8.06
N PRO B 219 -22.55 -19.33 -8.50
CA PRO B 219 -22.95 -17.98 -8.07
C PRO B 219 -23.32 -17.83 -6.59
N THR B 220 -23.84 -18.88 -5.99
CA THR B 220 -24.24 -18.81 -4.59
C THR B 220 -23.42 -19.78 -3.75
N ALA B 221 -22.33 -19.27 -3.17
CA ALA B 221 -21.44 -20.07 -2.34
C ALA B 221 -20.77 -19.22 -1.25
N PRO B 222 -21.55 -18.81 -0.24
CA PRO B 222 -21.01 -17.99 0.84
C PRO B 222 -19.90 -18.63 1.65
N PHE B 223 -18.85 -17.86 1.92
CA PHE B 223 -17.71 -18.34 2.69
C PHE B 223 -17.35 -17.40 3.82
N ASN B 224 -16.63 -17.91 4.81
CA ASN B 224 -16.24 -17.10 5.95
C ASN B 224 -14.91 -17.56 6.54
N GLY B 225 -14.33 -16.68 7.34
CA GLY B 225 -13.10 -16.95 8.05
C GLY B 225 -13.35 -16.19 9.34
N TRP B 226 -12.33 -15.57 9.91
CA TRP B 226 -12.50 -14.77 11.11
C TRP B 226 -11.86 -13.43 10.76
N TYR B 227 -12.14 -12.42 11.57
CA TYR B 227 -11.59 -11.09 11.31
C TYR B 227 -10.15 -10.85 11.68
N MET B 228 -9.59 -9.85 11.01
CA MET B 228 -8.24 -9.36 11.26
C MET B 228 -8.55 -7.94 11.75
N VAL B 229 -8.05 -7.61 12.93
CA VAL B 229 -8.31 -6.33 13.58
C VAL B 229 -8.55 -5.06 12.77
N THR B 230 -7.69 -4.76 11.81
CA THR B 230 -7.83 -3.53 11.03
C THR B 230 -9.05 -3.42 10.15
N GLU B 231 -9.67 -4.54 9.80
CA GLU B 231 -10.86 -4.51 8.97
C GLU B 231 -11.96 -3.70 9.68
N ILE B 232 -12.03 -3.88 10.99
CA ILE B 232 -13.01 -3.21 11.84
C ILE B 232 -12.40 -1.91 12.41
N GLY B 233 -11.34 -2.05 13.19
CA GLY B 233 -10.69 -0.92 13.82
C GLY B 233 -10.21 0.23 12.92
N VAL B 234 -10.01 -0.04 11.64
CA VAL B 234 -9.54 1.00 10.73
C VAL B 234 -10.55 1.34 9.63
N ARG B 235 -10.86 0.36 8.78
CA ARG B 235 -11.76 0.60 7.67
C ARG B 235 -13.22 0.80 8.07
N ASN B 236 -13.84 -0.24 8.62
CA ASN B 236 -15.24 -0.15 9.02
C ASN B 236 -15.57 1.02 9.94
N PHE B 237 -14.78 1.22 10.98
CA PHE B 237 -15.06 2.32 11.90
C PHE B 237 -14.57 3.70 11.53
N ILE B 238 -13.45 3.78 10.83
CA ILE B 238 -12.87 5.08 10.51
C ILE B 238 -13.04 5.64 9.09
N ASP B 239 -13.20 4.80 8.07
CA ASP B 239 -13.37 5.33 6.72
C ASP B 239 -14.50 6.37 6.76
N ASP B 240 -14.31 7.49 6.08
CA ASP B 240 -15.35 8.53 6.08
C ASP B 240 -16.61 8.12 5.33
N TYR B 241 -16.53 7.04 4.57
CA TYR B 241 -17.70 6.55 3.83
C TYR B 241 -18.31 5.35 4.52
N ARG B 242 -17.86 5.11 5.75
CA ARG B 242 -18.36 4.01 6.57
C ARG B 242 -18.89 4.66 7.84
N TYR B 243 -18.47 4.23 9.02
CA TYR B 243 -18.99 4.83 10.24
C TYR B 243 -18.38 6.18 10.60
N ASN B 244 -17.22 6.49 10.02
CA ASN B 244 -16.56 7.77 10.23
C ASN B 244 -16.47 8.22 11.70
N LEU B 245 -15.99 7.32 12.55
CA LEU B 245 -15.92 7.58 14.00
C LEU B 245 -14.64 8.20 14.58
N LEU B 246 -13.73 8.68 13.75
CA LEU B 246 -12.48 9.24 14.27
C LEU B 246 -12.66 10.34 15.32
N GLU B 247 -13.43 11.37 14.99
CA GLU B 247 -13.63 12.45 15.94
C GLU B 247 -14.20 11.94 17.25
N LYS B 248 -15.28 11.18 17.18
CA LYS B 248 -15.91 10.64 18.38
C LYS B 248 -14.97 9.79 19.21
N VAL B 249 -14.29 8.86 18.55
CA VAL B 249 -13.35 7.98 19.22
C VAL B 249 -12.19 8.77 19.84
N ALA B 250 -11.71 9.78 19.14
CA ALA B 250 -10.62 10.62 19.65
C ALA B 250 -11.02 11.20 21.01
N ASP B 251 -12.25 11.71 21.07
CA ASP B 251 -12.79 12.30 22.29
C ASP B 251 -12.87 11.29 23.42
N ALA B 252 -13.19 10.05 23.08
CA ALA B 252 -13.27 8.99 24.08
C ALA B 252 -11.87 8.72 24.60
N PHE B 253 -10.87 8.88 23.75
CA PHE B 253 -9.48 8.66 24.14
C PHE B 253 -8.93 9.94 24.76
N GLU B 254 -9.79 10.96 24.80
CA GLU B 254 -9.48 12.25 25.37
C GLU B 254 -8.33 12.99 24.74
N PHE B 255 -8.35 13.12 23.42
CA PHE B 255 -7.31 13.85 22.73
C PHE B 255 -7.79 15.29 22.59
N ASP B 256 -7.00 16.22 23.11
CA ASP B 256 -7.33 17.64 23.08
C ASP B 256 -7.41 18.26 21.69
N THR B 257 -6.73 17.63 20.72
CA THR B 257 -6.73 18.14 19.36
C THR B 257 -6.42 17.01 18.39
N LEU B 258 -6.76 17.22 17.12
CA LEU B 258 -6.49 16.22 16.09
C LEU B 258 -5.74 16.89 14.95
N LYS B 259 -5.01 17.98 15.26
CA LYS B 259 -4.26 18.66 14.22
C LYS B 259 -3.17 17.68 13.80
N ASN B 260 -2.93 17.62 12.50
CA ASN B 260 -1.96 16.68 11.97
C ASN B 260 -0.65 16.56 12.71
N ASN B 261 0.09 17.65 12.88
CA ASN B 261 1.38 17.54 13.55
C ASN B 261 1.31 17.15 15.03
N SER B 262 0.12 16.79 15.51
CA SER B 262 -0.02 16.36 16.90
C SER B 262 0.07 14.84 16.93
N PHE B 263 -0.25 14.21 15.79
CA PHE B 263 -0.22 12.77 15.61
C PHE B 263 -1.28 12.01 16.41
N ASN B 264 -2.23 12.77 16.98
CA ASN B 264 -3.30 12.14 17.75
C ASN B 264 -4.19 11.30 16.84
N LYS B 265 -4.38 11.71 15.59
CA LYS B 265 -5.19 10.94 14.68
C LYS B 265 -4.65 9.52 14.59
N ASP B 266 -3.32 9.42 14.55
CA ASP B 266 -2.64 8.14 14.45
C ASP B 266 -2.69 7.36 15.77
N ARG B 267 -2.61 8.07 16.90
CA ARG B 267 -2.69 7.39 18.19
C ARG B 267 -4.10 6.89 18.36
N ALA B 268 -5.06 7.69 17.90
CA ALA B 268 -6.46 7.33 18.02
C ALA B 268 -6.70 6.03 17.27
N LEU B 269 -6.12 5.91 16.07
CA LEU B 269 -6.26 4.72 15.25
C LEU B 269 -5.69 3.46 15.92
N VAL B 270 -4.50 3.59 16.49
CA VAL B 270 -3.85 2.46 17.15
C VAL B 270 -4.65 2.03 18.37
N GLU B 271 -5.15 3.01 19.11
CA GLU B 271 -5.92 2.73 20.32
C GLU B 271 -7.26 2.05 20.04
N LEU B 272 -7.93 2.47 18.97
CA LEU B 272 -9.20 1.89 18.60
C LEU B 272 -9.07 0.41 18.18
N ASN B 273 -7.94 0.07 17.57
CA ASN B 273 -7.71 -1.30 17.13
C ASN B 273 -7.31 -2.15 18.33
N TYR B 274 -6.65 -1.52 19.29
CA TYR B 274 -6.27 -2.22 20.51
C TYR B 274 -7.58 -2.63 21.20
N ALA B 275 -8.52 -1.69 21.23
CA ALA B 275 -9.83 -1.91 21.83
C ALA B 275 -10.57 -3.03 21.12
N VAL B 276 -10.72 -2.88 19.81
CA VAL B 276 -11.43 -3.89 19.02
C VAL B 276 -10.83 -5.28 19.22
N TYR B 277 -9.50 -5.36 19.20
CA TYR B 277 -8.83 -6.64 19.36
C TYR B 277 -9.10 -7.34 20.69
N HIS B 278 -8.93 -6.62 21.79
CA HIS B 278 -9.15 -7.22 23.10
C HIS B 278 -10.61 -7.35 23.47
N SER B 279 -11.46 -6.61 22.78
CA SER B 279 -12.89 -6.68 23.03
C SER B 279 -13.33 -8.06 22.56
N PHE B 280 -12.84 -8.45 21.39
CA PHE B 280 -13.17 -9.76 20.83
C PHE B 280 -12.63 -10.84 21.74
N LYS B 281 -11.40 -10.63 22.20
CA LYS B 281 -10.73 -11.57 23.08
C LYS B 281 -11.52 -11.75 24.37
N LYS B 282 -12.00 -10.64 24.91
CA LYS B 282 -12.77 -10.66 26.16
C LYS B 282 -14.08 -11.43 26.03
N GLU B 283 -14.67 -11.39 24.84
CA GLU B 283 -15.93 -12.06 24.54
C GLU B 283 -15.72 -13.48 24.02
N GLY B 284 -14.44 -13.87 23.88
CA GLY B 284 -14.09 -15.20 23.40
C GLY B 284 -14.30 -15.44 21.91
N VAL B 285 -14.16 -14.39 21.10
CA VAL B 285 -14.34 -14.49 19.66
C VAL B 285 -12.98 -14.45 18.93
N SER B 286 -12.77 -15.39 18.02
CA SER B 286 -11.52 -15.45 17.28
C SER B 286 -11.24 -14.16 16.51
N ILE B 287 -9.99 -13.72 16.58
CA ILE B 287 -9.55 -12.54 15.86
C ILE B 287 -8.03 -12.56 15.85
N VAL B 288 -7.45 -12.00 14.79
CA VAL B 288 -6.01 -11.96 14.66
C VAL B 288 -5.59 -10.53 14.36
N ASP B 289 -4.47 -10.11 14.93
CA ASP B 289 -4.00 -8.75 14.69
C ASP B 289 -3.29 -8.72 13.34
N HIS B 290 -3.18 -7.54 12.76
CA HIS B 290 -2.56 -7.34 11.46
C HIS B 290 -1.15 -7.91 11.34
N LEU B 291 -0.30 -7.65 12.33
CA LEU B 291 1.08 -8.12 12.29
C LEU B 291 1.20 -9.64 12.40
N THR B 292 0.36 -10.24 13.25
CA THR B 292 0.37 -11.68 13.43
C THR B 292 -0.14 -12.35 12.15
N ALA B 293 -1.14 -11.75 11.53
CA ALA B 293 -1.72 -12.28 10.30
C ALA B 293 -0.68 -12.30 9.17
N ALA B 294 0.16 -11.27 9.15
CA ALA B 294 1.22 -11.16 8.14
C ALA B 294 2.32 -12.17 8.40
N LYS B 295 2.53 -12.54 9.66
CA LYS B 295 3.56 -13.51 10.00
C LYS B 295 3.11 -14.89 9.55
N GLN B 296 1.80 -15.13 9.67
CA GLN B 296 1.22 -16.39 9.25
C GLN B 296 1.31 -16.51 7.74
N PHE B 297 1.25 -15.37 7.06
CA PHE B 297 1.31 -15.35 5.61
C PHE B 297 2.71 -15.74 5.16
N GLU B 298 3.69 -15.45 6.01
CA GLU B 298 5.07 -15.80 5.70
C GLU B 298 5.15 -17.31 5.67
N LEU B 299 4.46 -17.95 6.64
CA LEU B 299 4.45 -19.41 6.73
C LEU B 299 3.78 -19.98 5.50
N PHE B 300 2.69 -19.36 5.09
CA PHE B 300 1.99 -19.81 3.91
C PHE B 300 2.96 -19.89 2.73
N GLU B 301 3.73 -18.83 2.51
CA GLU B 301 4.70 -18.79 1.42
C GLU B 301 5.79 -19.86 1.56
N ARG B 302 6.15 -20.20 2.80
CA ARG B 302 7.15 -21.23 3.07
C ARG B 302 6.60 -22.60 2.71
N ASN B 303 5.33 -22.84 3.07
CA ASN B 303 4.68 -24.11 2.77
C ASN B 303 4.48 -24.26 1.27
N GLU B 304 4.02 -23.20 0.61
CA GLU B 304 3.80 -23.23 -0.82
C GLU B 304 5.07 -23.52 -1.61
N ALA B 305 6.21 -23.03 -1.13
CA ALA B 305 7.50 -23.25 -1.79
C ALA B 305 7.85 -24.75 -1.73
N GLN B 306 7.58 -25.33 -0.56
CA GLN B 306 7.83 -26.75 -0.33
C GLN B 306 6.92 -27.65 -1.16
N GLN B 307 5.90 -27.07 -1.78
CA GLN B 307 4.94 -27.82 -2.59
C GLN B 307 5.15 -27.58 -4.08
N GLY B 308 6.18 -26.81 -4.40
CA GLY B 308 6.48 -26.52 -5.79
C GLY B 308 5.58 -25.49 -6.44
N ARG B 309 4.77 -24.82 -5.62
CA ARG B 309 3.85 -23.79 -6.14
C ARG B 309 4.38 -22.39 -5.87
N GLN B 310 4.12 -21.49 -6.80
CA GLN B 310 4.55 -20.11 -6.64
C GLN B 310 3.36 -19.37 -6.01
N VAL B 311 3.64 -18.25 -5.34
CA VAL B 311 2.61 -17.45 -4.68
C VAL B 311 2.26 -16.17 -5.46
N THR B 312 0.96 -15.98 -5.66
CA THR B 312 0.48 -14.81 -6.37
C THR B 312 -0.18 -13.93 -5.32
N GLY B 313 -0.39 -12.65 -5.65
CA GLY B 313 -1.02 -11.76 -4.69
C GLY B 313 -1.18 -10.35 -5.19
N LYS B 314 -2.02 -9.58 -4.49
CA LYS B 314 -2.27 -8.17 -4.79
C LYS B 314 -1.72 -7.37 -3.60
N TRP B 315 -0.53 -6.79 -3.80
CA TRP B 315 0.19 -6.01 -2.79
C TRP B 315 -0.64 -5.06 -1.91
N SER B 316 -1.33 -4.12 -2.56
CA SER B 316 -2.16 -3.12 -1.88
C SER B 316 -3.16 -3.69 -0.89
N TRP B 317 -3.63 -4.92 -1.14
CA TRP B 317 -4.59 -5.55 -0.26
C TRP B 317 -3.90 -6.35 0.84
N LEU B 318 -2.74 -6.90 0.53
CA LEU B 318 -2.00 -7.71 1.51
C LEU B 318 -1.37 -6.86 2.61
N ALA B 319 -0.97 -5.65 2.26
CA ALA B 319 -0.37 -4.74 3.23
C ALA B 319 -1.52 -4.19 4.07
N PRO B 320 -1.42 -4.30 5.41
CA PRO B 320 -2.48 -3.78 6.27
C PRO B 320 -2.49 -2.25 6.35
N PRO B 321 -3.66 -1.65 6.66
CA PRO B 321 -3.79 -0.19 6.78
C PRO B 321 -3.30 0.37 8.12
N LEU B 322 -2.42 -0.38 8.77
CA LEU B 322 -1.85 0.02 10.05
C LEU B 322 -0.43 -0.54 10.13
N SER B 323 0.55 0.34 10.35
CA SER B 323 1.96 -0.08 10.45
C SER B 323 2.30 -1.13 9.41
N PRO B 324 1.99 -0.87 8.13
CA PRO B 324 2.28 -1.85 7.08
C PRO B 324 3.76 -2.26 6.92
N THR B 325 4.69 -1.37 7.25
CA THR B 325 6.11 -1.71 7.11
C THR B 325 6.58 -2.76 8.10
N LEU B 326 5.73 -3.11 9.06
CA LEU B 326 6.11 -4.13 10.04
C LEU B 326 5.71 -5.53 9.56
N THR B 327 5.24 -5.63 8.33
CA THR B 327 4.87 -6.90 7.73
C THR B 327 5.82 -7.14 6.56
N SER B 328 6.36 -8.37 6.49
CA SER B 328 7.28 -8.77 5.45
C SER B 328 6.79 -8.52 4.02
N ASN B 329 5.50 -8.73 3.78
CA ASN B 329 4.92 -8.56 2.44
C ASN B 329 4.99 -7.14 1.90
N TYR B 330 5.19 -6.17 2.78
CA TYR B 330 5.26 -4.78 2.34
C TYR B 330 6.51 -4.45 1.54
N HIS B 331 7.58 -5.18 1.82
CA HIS B 331 8.88 -4.93 1.21
C HIS B 331 9.26 -5.56 -0.12
N HIS B 332 8.28 -6.04 -0.87
CA HIS B 332 8.53 -6.59 -2.20
C HIS B 332 7.21 -6.70 -2.93
N GLY B 333 7.26 -6.84 -4.25
CA GLY B 333 6.02 -6.92 -5.01
C GLY B 333 5.44 -8.33 -5.07
N TYR B 334 4.25 -8.43 -5.66
CA TYR B 334 3.55 -9.71 -5.81
C TYR B 334 2.96 -9.90 -7.19
N ASP B 335 3.11 -11.10 -7.73
CA ASP B 335 2.57 -11.43 -9.04
C ASP B 335 1.07 -11.56 -8.88
N ASN B 336 0.32 -10.61 -9.45
CA ASN B 336 -1.14 -10.63 -9.33
C ASN B 336 -1.86 -11.45 -10.38
N THR B 337 -1.25 -12.54 -10.85
CA THR B 337 -1.92 -13.37 -11.86
C THR B 337 -3.06 -14.08 -11.16
N VAL B 338 -4.25 -14.08 -11.78
CA VAL B 338 -5.43 -14.72 -11.22
C VAL B 338 -5.58 -16.11 -11.83
N LYS B 339 -5.34 -17.14 -11.01
CA LYS B 339 -5.43 -18.53 -11.47
C LYS B 339 -6.76 -19.18 -11.07
N ASP B 340 -7.06 -20.33 -11.67
CA ASP B 340 -8.30 -21.05 -11.40
C ASP B 340 -8.03 -22.35 -10.61
N PRO B 341 -8.96 -22.72 -9.71
CA PRO B 341 -10.21 -22.01 -9.43
C PRO B 341 -9.97 -20.71 -8.66
N ASN B 342 -11.01 -19.91 -8.49
CA ASN B 342 -10.84 -18.65 -7.80
C ASN B 342 -12.19 -18.03 -7.52
N PHE B 343 -12.17 -16.91 -6.82
CA PHE B 343 -13.39 -16.17 -6.48
C PHE B 343 -13.41 -14.87 -7.28
N PHE B 344 -14.61 -14.46 -7.69
CA PHE B 344 -14.75 -13.23 -8.47
C PHE B 344 -15.92 -12.41 -8.03
N TYR B 345 -15.83 -11.11 -8.24
CA TYR B 345 -16.92 -10.20 -7.90
C TYR B 345 -17.99 -10.44 -8.92
N LYS B 346 -19.24 -10.26 -8.52
CA LYS B 346 -20.35 -10.45 -9.43
C LYS B 346 -20.39 -9.24 -10.38
N LYS B 347 -20.40 -9.52 -11.69
CA LYS B 347 -20.41 -8.49 -12.73
C LYS B 347 -21.62 -7.55 -12.62
#